data_6IHK
#
_entry.id   6IHK
#
_cell.length_a   63.424
_cell.length_b   121.193
_cell.length_c   73.559
_cell.angle_alpha   90.00
_cell.angle_beta   93.68
_cell.angle_gamma   90.00
#
_symmetry.space_group_name_H-M   'P 1 21 1'
#
loop_
_entity.id
_entity.type
_entity.pdbx_description
1 polymer 'AMP-binding domain protein'
2 non-polymer "ADENOSINE-5'-DIPHOSPHATE"
3 water water
#
_entity_poly.entity_id   1
_entity_poly.type   'polypeptide(L)'
_entity_poly.pdbx_seq_one_letter_code
;MLGQMMTQPLLISSLIDHAARYHGQTEIVSVETDGTVTRTNWGEIAANARRMGSALTKLGLQPQDRIGTLAWNNRRHLEI
YYAASGAGFVCHTINPRLFPEQLVYIINHAQDRVLFFDATFLPLVAAIRDQLTEVKHFVLMGPRNEDALQQIPGLEFYDE
LIETGDTDFEWPVFDENTASSLCYTSGTTGHPKGVLYSHRSTVLHSFASNTRDVIGYSAMDVVMPVVPMFHVNAWGSPYG
CAMSGAQMVLPGPDLHGEALVNLIDTYGVTLAMGVPTIWQGLLAHAAKCGTKLESLERTVIGGAACPPSMIATFREKYGV
DTVHAWGMSEMSPLGTANIPLAKHRKLPIEEQHKLRENQGRPPFGVELKIVDDDGNDLPHDGVTQGDLMVRGHWVLDSYF
QLKDQELLQDGWFATGDVATLDPDGYMTIRDRSKDIIKSGGEWISSVELENIAVAHPKLATAAVIGVPHPKWDERPLLVA
VKAEGEDPSEAELLEFFDGKIAKWQVPDKVVFVDALPLNATGKVLKRKLRDEFKDALTG
;
_entity_poly.pdbx_strand_id   A,B
#
# COMPACT_ATOMS: atom_id res chain seq x y z
N MET A 1 51.86 -5.88 -10.17
CA MET A 1 51.04 -6.82 -10.92
C MET A 1 49.72 -7.07 -10.18
N LEU A 2 48.60 -6.83 -10.84
CA LEU A 2 47.29 -7.04 -10.23
C LEU A 2 46.87 -8.50 -10.34
N GLY A 3 46.01 -8.93 -9.42
CA GLY A 3 45.41 -10.24 -9.56
C GLY A 3 44.52 -10.30 -10.79
N GLN A 4 44.11 -11.52 -11.14
CA GLN A 4 43.23 -11.69 -12.28
C GLN A 4 41.93 -12.37 -11.89
N MET A 5 41.24 -11.77 -10.92
CA MET A 5 39.96 -12.23 -10.44
C MET A 5 38.88 -11.28 -10.92
N MET A 6 37.64 -11.74 -10.90
CA MET A 6 36.53 -10.83 -11.12
C MET A 6 36.49 -9.79 -10.00
N THR A 7 36.22 -8.53 -10.38
CA THR A 7 36.04 -7.47 -9.41
C THR A 7 34.63 -6.93 -9.56
N GLN A 8 33.99 -6.68 -8.43
CA GLN A 8 32.60 -6.31 -8.30
C GLN A 8 32.50 -5.41 -7.09
N PRO A 9 31.76 -4.32 -7.15
CA PRO A 9 31.68 -3.43 -5.98
C PRO A 9 30.89 -4.08 -4.85
N LEU A 10 31.29 -3.76 -3.62
CA LEU A 10 30.59 -4.26 -2.43
C LEU A 10 29.40 -3.35 -2.19
N LEU A 11 28.26 -3.67 -2.80
CA LEU A 11 27.07 -2.82 -2.75
C LEU A 11 25.97 -3.43 -1.90
N ILE A 12 25.24 -2.56 -1.20
CA ILE A 12 24.14 -3.03 -0.36
C ILE A 12 23.07 -3.71 -1.20
N SER A 13 22.84 -3.23 -2.41
CA SER A 13 21.84 -3.89 -3.27
C SER A 13 22.22 -5.34 -3.61
N SER A 14 23.51 -5.70 -3.57
CA SER A 14 23.85 -7.08 -3.84
C SER A 14 23.49 -8.00 -2.67
N LEU A 15 23.31 -7.46 -1.46
CA LEU A 15 22.86 -8.30 -0.36
C LEU A 15 21.40 -8.70 -0.55
N ILE A 16 20.54 -7.74 -0.87
CA ILE A 16 19.12 -8.08 -1.03
C ILE A 16 18.92 -8.96 -2.25
N ASP A 17 19.70 -8.74 -3.32
CA ASP A 17 19.65 -9.61 -4.49
C ASP A 17 20.00 -11.04 -4.14
N HIS A 18 20.98 -11.22 -3.25
CA HIS A 18 21.37 -12.56 -2.87
C HIS A 18 20.26 -13.24 -2.09
N ALA A 19 19.69 -12.55 -1.09
CA ALA A 19 18.55 -13.08 -0.36
C ALA A 19 17.40 -13.42 -1.31
N ALA A 20 17.09 -12.53 -2.25
CA ALA A 20 16.04 -12.84 -3.22
C ALA A 20 16.38 -14.05 -4.06
N ARG A 21 17.65 -14.17 -4.49
CA ARG A 21 18.03 -15.23 -5.41
C ARG A 21 18.01 -16.60 -4.73
N TYR A 22 18.61 -16.71 -3.55
CA TYR A 22 18.81 -18.01 -2.93
C TYR A 22 18.01 -18.22 -1.65
N HIS A 23 17.19 -17.23 -1.23
CA HIS A 23 16.41 -17.37 -0.01
C HIS A 23 15.05 -16.65 -0.13
N GLY A 24 14.49 -16.59 -1.34
CA GLY A 24 13.37 -15.73 -1.64
C GLY A 24 12.08 -16.09 -0.91
N GLN A 25 11.95 -17.35 -0.49
CA GLN A 25 10.76 -17.84 0.20
C GLN A 25 10.96 -17.89 1.70
N THR A 26 12.14 -17.55 2.20
CA THR A 26 12.41 -17.62 3.62
C THR A 26 11.61 -16.55 4.36
N GLU A 27 10.94 -16.95 5.44
CA GLU A 27 9.85 -16.17 6.00
C GLU A 27 10.35 -14.99 6.81
N ILE A 28 9.70 -13.84 6.61
CA ILE A 28 9.91 -12.64 7.41
C ILE A 28 8.56 -12.23 7.97
N VAL A 29 8.48 -12.11 9.29
CA VAL A 29 7.26 -11.69 9.99
C VAL A 29 7.39 -10.25 10.48
N SER A 30 6.33 -9.45 10.25
CA SER A 30 6.34 -8.01 10.46
C SER A 30 5.12 -7.57 11.27
N VAL A 31 5.35 -7.05 12.47
CA VAL A 31 4.26 -6.56 13.32
C VAL A 31 4.01 -5.10 12.96
N GLU A 32 2.84 -4.82 12.39
CA GLU A 32 2.47 -3.51 11.89
C GLU A 32 1.84 -2.64 12.98
N THR A 33 1.78 -1.33 12.72
CA THR A 33 1.26 -0.39 13.70
C THR A 33 -0.25 -0.58 13.95
N ASP A 34 -1.00 -1.04 12.95
CA ASP A 34 -2.42 -1.24 13.11
C ASP A 34 -2.76 -2.58 13.79
N GLY A 35 -1.84 -3.21 14.51
CA GLY A 35 -2.05 -4.55 15.04
C GLY A 35 -1.88 -5.70 14.06
N THR A 36 -1.90 -5.44 12.75
CA THR A 36 -1.72 -6.48 11.75
C THR A 36 -0.36 -7.15 11.87
N VAL A 37 -0.29 -8.43 11.52
CA VAL A 37 0.96 -9.14 11.34
C VAL A 37 1.10 -9.53 9.86
N THR A 38 2.14 -9.04 9.20
CA THR A 38 2.41 -9.38 7.80
C THR A 38 3.33 -10.59 7.74
N ARG A 39 2.96 -11.59 6.93
CA ARG A 39 3.83 -12.70 6.61
C ARG A 39 4.37 -12.50 5.20
N THR A 40 5.63 -12.10 5.09
CA THR A 40 6.24 -11.85 3.80
C THR A 40 7.51 -12.70 3.75
N ASN A 41 8.40 -12.39 2.80
CA ASN A 41 9.65 -13.13 2.66
C ASN A 41 10.68 -12.24 1.97
N TRP A 42 11.93 -12.73 1.95
CA TRP A 42 13.01 -11.94 1.36
C TRP A 42 12.72 -11.60 -0.09
N GLY A 43 12.13 -12.54 -0.84
CA GLY A 43 11.79 -12.27 -2.22
C GLY A 43 10.82 -11.11 -2.37
N GLU A 44 9.77 -11.07 -1.55
CA GLU A 44 8.82 -9.97 -1.62
C GLU A 44 9.45 -8.66 -1.16
N ILE A 45 10.27 -8.70 -0.10
CA ILE A 45 10.94 -7.49 0.36
C ILE A 45 11.90 -6.96 -0.71
N ALA A 46 12.59 -7.87 -1.42
CA ALA A 46 13.47 -7.45 -2.52
C ALA A 46 12.69 -6.79 -3.64
N ALA A 47 11.56 -7.38 -4.05
CA ALA A 47 10.76 -6.82 -5.12
C ALA A 47 10.23 -5.44 -4.74
N ASN A 48 9.68 -5.33 -3.52
CA ASN A 48 9.18 -4.04 -3.05
C ASN A 48 10.30 -3.02 -2.96
N ALA A 49 11.47 -3.42 -2.45
CA ALA A 49 12.61 -2.52 -2.40
C ALA A 49 13.01 -2.02 -3.79
N ARG A 50 13.06 -2.94 -4.78
CA ARG A 50 13.37 -2.52 -6.15
C ARG A 50 12.31 -1.55 -6.66
N ARG A 51 11.04 -1.90 -6.46
CA ARG A 51 9.98 -1.01 -6.94
C ARG A 51 10.01 0.33 -6.23
N MET A 52 10.25 0.33 -4.91
CA MET A 52 10.34 1.60 -4.20
C MET A 52 11.60 2.38 -4.59
N GLY A 53 12.68 1.67 -4.92
CA GLY A 53 13.86 2.36 -5.44
C GLY A 53 13.61 3.07 -6.75
N SER A 54 12.85 2.43 -7.64
CA SER A 54 12.39 3.10 -8.85
C SER A 54 11.48 4.29 -8.51
N ALA A 55 10.50 4.09 -7.63
CA ALA A 55 9.61 5.19 -7.24
C ALA A 55 10.37 6.37 -6.68
N LEU A 56 11.40 6.10 -5.87
CA LEU A 56 12.20 7.20 -5.33
C LEU A 56 12.95 7.92 -6.42
N THR A 57 13.55 7.17 -7.35
CA THR A 57 14.27 7.76 -8.47
C THR A 57 13.38 8.65 -9.33
N LYS A 58 12.13 8.22 -9.56
CA LYS A 58 11.22 8.98 -10.41
C LYS A 58 10.77 10.30 -9.78
N LEU A 59 10.96 10.48 -8.47
CA LEU A 59 10.70 11.78 -7.85
C LEU A 59 11.70 12.83 -8.30
N GLY A 60 12.76 12.45 -9.01
CA GLY A 60 13.79 13.40 -9.41
C GLY A 60 14.85 13.67 -8.37
N LEU A 61 15.03 12.79 -7.41
CA LEU A 61 16.07 13.01 -6.41
C LEU A 61 17.45 12.91 -7.04
N GLN A 62 18.40 13.64 -6.46
CA GLN A 62 19.78 13.61 -6.93
C GLN A 62 20.56 12.48 -6.25
N PRO A 63 21.57 11.93 -6.92
CA PRO A 63 22.39 10.88 -6.29
C PRO A 63 22.85 11.24 -4.88
N GLN A 64 22.64 10.31 -3.95
CA GLN A 64 23.01 10.41 -2.54
C GLN A 64 22.20 11.47 -1.78
N ASP A 65 21.08 11.94 -2.32
CA ASP A 65 20.10 12.66 -1.51
C ASP A 65 19.70 11.82 -0.30
N ARG A 66 19.45 12.49 0.83
CA ARG A 66 19.07 11.80 2.05
C ARG A 66 17.59 11.45 2.06
N ILE A 67 17.30 10.25 2.51
CA ILE A 67 15.95 9.73 2.70
C ILE A 67 15.81 9.44 4.19
N GLY A 68 15.01 10.24 4.89
CA GLY A 68 14.83 10.05 6.32
C GLY A 68 13.77 9.02 6.65
N THR A 69 13.96 8.34 7.77
CA THR A 69 12.94 7.45 8.32
C THR A 69 12.74 7.75 9.80
N LEU A 70 11.48 7.70 10.23
CA LEU A 70 11.07 7.69 11.62
C LEU A 70 10.15 6.47 11.71
N ALA A 71 10.72 5.30 12.02
CA ALA A 71 9.98 4.06 11.81
C ALA A 71 10.41 2.98 12.81
N TRP A 72 9.48 2.07 13.08
CA TRP A 72 9.75 0.87 13.85
C TRP A 72 10.45 -0.17 12.99
N ASN A 73 10.74 -1.31 13.59
CA ASN A 73 11.26 -2.47 12.87
C ASN A 73 10.07 -3.18 12.21
N ASN A 74 9.93 -3.01 10.90
CA ASN A 74 8.82 -3.60 10.17
C ASN A 74 9.22 -3.74 8.70
N ARG A 75 8.36 -4.39 7.91
CA ARG A 75 8.77 -4.73 6.54
C ARG A 75 8.94 -3.49 5.69
N ARG A 76 8.21 -2.43 5.97
CA ARG A 76 8.39 -1.24 5.14
C ARG A 76 9.69 -0.53 5.47
N HIS A 77 10.11 -0.54 6.75
CA HIS A 77 11.43 -0.02 7.09
C HIS A 77 12.53 -0.88 6.47
N LEU A 78 12.39 -2.21 6.52
CA LEU A 78 13.37 -3.09 5.86
C LEU A 78 13.44 -2.81 4.36
N GLU A 79 12.29 -2.59 3.72
CA GLU A 79 12.27 -2.28 2.30
C GLU A 79 12.97 -0.94 2.00
N ILE A 80 12.75 0.07 2.84
CA ILE A 80 13.37 1.39 2.60
C ILE A 80 14.89 1.29 2.69
N TYR A 81 15.40 0.51 3.64
CA TYR A 81 16.84 0.30 3.78
C TYR A 81 17.47 -0.02 2.44
N TYR A 82 16.92 -1.03 1.77
CA TYR A 82 17.47 -1.46 0.49
C TYR A 82 17.05 -0.53 -0.64
N ALA A 83 15.82 -0.01 -0.59
CA ALA A 83 15.35 0.89 -1.65
C ALA A 83 16.21 2.15 -1.74
N ALA A 84 16.39 2.83 -0.61
CA ALA A 84 17.16 4.08 -0.60
C ALA A 84 18.61 3.84 -1.02
N SER A 85 19.32 3.01 -0.26
CA SER A 85 20.74 2.75 -0.53
C SER A 85 20.95 2.10 -1.89
N GLY A 86 20.13 1.09 -2.22
CA GLY A 86 20.31 0.38 -3.48
C GLY A 86 20.23 1.28 -4.69
N ALA A 87 19.29 2.22 -4.66
CA ALA A 87 19.12 3.19 -5.75
C ALA A 87 20.12 4.32 -5.71
N GLY A 88 21.10 4.28 -4.81
CA GLY A 88 22.08 5.34 -4.73
C GLY A 88 21.69 6.54 -3.90
N PHE A 89 20.67 6.42 -3.07
CA PHE A 89 20.35 7.47 -2.11
C PHE A 89 20.94 7.11 -0.75
N VAL A 90 20.75 8.00 0.23
CA VAL A 90 21.33 7.83 1.56
C VAL A 90 20.20 7.54 2.53
N CYS A 91 20.20 6.33 3.09
CA CYS A 91 19.16 5.95 4.03
C CYS A 91 19.47 6.53 5.40
N HIS A 92 18.73 7.56 5.80
CA HIS A 92 18.99 8.29 7.03
C HIS A 92 17.97 7.86 8.08
N THR A 93 18.42 7.07 9.02
CA THR A 93 17.56 6.54 10.07
C THR A 93 17.58 7.51 11.24
N ILE A 94 16.40 7.98 11.63
CA ILE A 94 16.26 8.99 12.67
C ILE A 94 15.54 8.37 13.86
N ASN A 95 16.02 8.69 15.06
CA ASN A 95 15.45 8.21 16.31
C ASN A 95 14.20 9.01 16.64
N PRO A 96 13.01 8.38 16.63
CA PRO A 96 11.78 9.14 16.85
C PRO A 96 11.49 9.42 18.31
N ARG A 97 12.34 8.97 19.24
CA ARG A 97 12.17 9.29 20.65
C ARG A 97 12.89 10.56 21.05
N LEU A 98 13.58 11.20 20.12
CA LEU A 98 14.28 12.43 20.46
C LEU A 98 13.29 13.55 20.71
N PHE A 99 13.78 14.61 21.32
CA PHE A 99 12.96 15.79 21.51
C PHE A 99 12.70 16.46 20.17
N PRO A 100 11.52 17.04 19.97
CA PRO A 100 11.19 17.66 18.67
C PRO A 100 12.23 18.64 18.17
N GLU A 101 12.82 19.46 19.06
CA GLU A 101 13.84 20.39 18.59
C GLU A 101 15.10 19.67 18.13
N GLN A 102 15.35 18.46 18.64
CA GLN A 102 16.47 17.66 18.15
C GLN A 102 16.17 17.07 16.78
N LEU A 103 14.92 16.63 16.56
CA LEU A 103 14.53 16.10 15.26
C LEU A 103 14.58 17.20 14.19
N VAL A 104 14.07 18.39 14.54
CA VAL A 104 14.14 19.53 13.63
C VAL A 104 15.57 19.80 13.23
N TYR A 105 16.48 19.80 14.21
CA TYR A 105 17.88 20.01 13.87
C TYR A 105 18.41 18.93 12.93
N ILE A 106 18.21 17.66 13.29
CA ILE A 106 18.80 16.57 12.53
C ILE A 106 18.26 16.54 11.10
N ILE A 107 16.93 16.63 10.96
CA ILE A 107 16.30 16.51 9.64
C ILE A 107 16.75 17.65 8.73
N ASN A 108 16.78 18.88 9.25
CA ASN A 108 17.25 19.99 8.43
C ASN A 108 18.74 19.90 8.14
N HIS A 109 19.55 19.53 9.15
CA HIS A 109 20.99 19.41 8.90
C HIS A 109 21.28 18.34 7.85
N ALA A 110 20.62 17.18 7.96
CA ALA A 110 20.79 16.11 6.98
C ALA A 110 20.18 16.47 5.63
N GLN A 111 19.23 17.42 5.62
CA GLN A 111 18.49 17.81 4.42
C GLN A 111 17.80 16.61 3.80
N ASP A 112 17.11 15.84 4.63
CA ASP A 112 16.26 14.78 4.09
C ASP A 112 15.29 15.37 3.08
N ARG A 113 15.31 14.84 1.85
CA ARG A 113 14.33 15.23 0.85
C ARG A 113 13.03 14.45 0.95
N VAL A 114 13.07 13.26 1.55
CA VAL A 114 11.91 12.43 1.77
C VAL A 114 11.91 12.09 3.25
N LEU A 115 10.73 12.05 3.87
CA LEU A 115 10.58 11.66 5.27
C LEU A 115 9.50 10.57 5.38
N PHE A 116 9.96 9.31 5.43
CA PHE A 116 9.10 8.17 5.73
C PHE A 116 8.88 8.10 7.23
N PHE A 117 7.64 7.91 7.68
CA PHE A 117 7.40 7.76 9.10
C PHE A 117 6.24 6.82 9.36
N ASP A 118 6.26 6.22 10.54
CA ASP A 118 5.17 5.34 10.94
C ASP A 118 4.04 6.15 11.61
N ALA A 119 2.86 5.53 11.69
CA ALA A 119 1.65 6.25 12.08
C ALA A 119 1.74 6.73 13.53
N THR A 120 2.49 6.00 14.35
CA THR A 120 2.77 6.40 15.73
C THR A 120 3.26 7.83 15.83
N PHE A 121 4.05 8.28 14.84
CA PHE A 121 4.71 9.58 14.91
C PHE A 121 3.99 10.63 14.08
N LEU A 122 2.76 10.34 13.66
CA LEU A 122 1.95 11.34 12.99
C LEU A 122 1.80 12.64 13.78
N PRO A 123 1.38 12.63 15.04
CA PRO A 123 1.30 13.93 15.76
C PRO A 123 2.64 14.62 15.87
N LEU A 124 3.72 13.84 16.05
CA LEU A 124 5.06 14.41 16.19
C LEU A 124 5.51 15.09 14.91
N VAL A 125 5.32 14.41 13.77
CA VAL A 125 5.70 14.99 12.48
C VAL A 125 4.82 16.19 12.16
N ALA A 126 3.50 16.08 12.40
CA ALA A 126 2.64 17.23 12.19
C ALA A 126 3.12 18.44 13.00
N ALA A 127 3.58 18.21 14.22
CA ALA A 127 3.95 19.34 15.09
C ALA A 127 5.18 20.07 14.57
N ILE A 128 6.19 19.35 14.09
CA ILE A 128 7.43 19.99 13.63
C ILE A 128 7.42 20.28 12.15
N ARG A 129 6.37 19.88 11.43
CA ARG A 129 6.32 19.96 9.98
C ARG A 129 6.68 21.35 9.45
N ASP A 130 6.19 22.41 10.11
CA ASP A 130 6.42 23.74 9.55
C ASP A 130 7.87 24.21 9.73
N GLN A 131 8.68 23.54 10.54
CA GLN A 131 10.08 23.86 10.67
C GLN A 131 10.97 23.03 9.75
N LEU A 132 10.40 22.12 8.97
CA LEU A 132 11.14 21.17 8.14
C LEU A 132 11.15 21.69 6.70
N THR A 133 11.98 22.69 6.46
CA THR A 133 11.90 23.44 5.22
C THR A 133 12.27 22.57 4.01
N GLU A 134 13.37 21.81 4.12
CA GLU A 134 13.97 21.11 2.97
C GLU A 134 13.24 19.86 2.52
N VAL A 135 12.28 19.36 3.30
CA VAL A 135 11.63 18.08 2.99
C VAL A 135 10.58 18.30 1.90
N LYS A 136 10.67 17.54 0.82
CA LYS A 136 9.73 17.68 -0.28
C LYS A 136 8.62 16.65 -0.26
N HIS A 137 8.83 15.48 0.32
CA HIS A 137 7.78 14.47 0.38
C HIS A 137 7.70 13.92 1.80
N PHE A 138 6.53 14.05 2.41
CA PHE A 138 6.21 13.39 3.65
C PHE A 138 5.40 12.16 3.32
N VAL A 139 5.83 11.01 3.83
CA VAL A 139 5.27 9.73 3.39
C VAL A 139 4.98 8.87 4.62
N LEU A 140 3.70 8.70 4.92
CA LEU A 140 3.27 7.74 5.91
C LEU A 140 3.53 6.32 5.41
N MET A 141 4.04 5.47 6.30
CA MET A 141 4.45 4.12 5.92
C MET A 141 3.24 3.19 6.03
N GLY A 142 2.29 3.44 5.13
CA GLY A 142 1.05 2.73 5.06
C GLY A 142 0.20 3.28 3.93
N PRO A 143 -1.07 2.89 3.89
CA PRO A 143 -1.97 3.37 2.84
C PRO A 143 -2.69 4.66 3.24
N ARG A 144 -3.41 5.21 2.26
CA ARG A 144 -4.10 6.48 2.41
C ARG A 144 -4.95 6.50 3.68
N ASN A 145 -4.80 7.55 4.46
CA ASN A 145 -5.50 7.69 5.74
C ASN A 145 -6.03 9.11 5.85
N GLU A 146 -7.35 9.26 5.96
CA GLU A 146 -7.91 10.60 5.83
C GLU A 146 -7.64 11.44 7.08
N ASP A 147 -7.68 10.84 8.27
CA ASP A 147 -7.29 11.59 9.46
C ASP A 147 -5.81 11.99 9.40
N ALA A 148 -4.96 11.09 8.93
CA ALA A 148 -3.55 11.45 8.71
C ALA A 148 -3.43 12.65 7.79
N LEU A 149 -4.19 12.66 6.69
CA LEU A 149 -4.13 13.79 5.75
C LEU A 149 -4.66 15.09 6.36
N GLN A 150 -5.57 15.01 7.34
CA GLN A 150 -6.00 16.21 8.06
C GLN A 150 -4.83 16.83 8.82
N GLN A 151 -4.10 16.01 9.59
CA GLN A 151 -2.98 16.54 10.36
C GLN A 151 -1.90 17.09 9.47
N ILE A 152 -1.62 16.44 8.34
CA ILE A 152 -0.55 16.86 7.45
C ILE A 152 -1.10 16.97 6.05
N PRO A 153 -1.74 18.08 5.69
CA PRO A 153 -2.13 18.27 4.29
C PRO A 153 -0.90 18.12 3.41
N GLY A 154 -1.10 17.56 2.22
CA GLY A 154 0.01 17.25 1.34
C GLY A 154 0.70 15.92 1.60
N LEU A 155 0.26 15.16 2.61
CA LEU A 155 0.89 13.89 2.94
C LEU A 155 0.77 12.90 1.79
N GLU A 156 1.84 12.15 1.56
CA GLU A 156 1.82 11.04 0.61
C GLU A 156 1.89 9.72 1.38
N PHE A 157 1.72 8.62 0.64
CA PHE A 157 1.47 7.32 1.26
C PHE A 157 2.31 6.25 0.58
N TYR A 158 3.10 5.55 1.39
CA TYR A 158 4.00 4.50 0.93
C TYR A 158 3.30 3.57 -0.04
N ASP A 159 2.12 3.07 0.32
CA ASP A 159 1.44 2.07 -0.48
C ASP A 159 0.88 2.63 -1.78
N GLU A 160 0.89 3.94 -1.97
CA GLU A 160 0.63 4.51 -3.29
C GLU A 160 1.90 4.86 -4.05
N LEU A 161 2.87 5.49 -3.36
CA LEU A 161 4.17 5.80 -3.97
C LEU A 161 4.84 4.57 -4.59
N ILE A 162 4.76 3.43 -3.92
CA ILE A 162 5.49 2.27 -4.41
C ILE A 162 4.93 1.78 -5.74
N GLU A 163 3.62 1.96 -5.98
CA GLU A 163 3.03 1.53 -7.24
C GLU A 163 3.48 2.39 -8.41
N THR A 164 4.15 3.52 -8.17
CA THR A 164 4.71 4.28 -9.27
C THR A 164 6.06 3.74 -9.73
N GLY A 165 6.60 2.76 -9.03
CA GLY A 165 7.92 2.23 -9.37
C GLY A 165 7.83 1.20 -10.48
N ASP A 166 8.82 1.22 -11.37
CA ASP A 166 8.88 0.24 -12.43
C ASP A 166 9.17 -1.13 -11.85
N THR A 167 8.47 -2.14 -12.35
CA THR A 167 8.63 -3.49 -11.81
C THR A 167 9.92 -4.16 -12.26
N ASP A 168 10.59 -3.64 -13.28
CA ASP A 168 11.84 -4.21 -13.78
C ASP A 168 13.00 -3.24 -13.56
N PHE A 169 12.97 -2.54 -12.43
CA PHE A 169 14.03 -1.61 -12.08
C PHE A 169 15.33 -2.37 -11.87
N GLU A 170 16.42 -1.81 -12.36
CA GLU A 170 17.74 -2.39 -12.18
C GLU A 170 18.56 -1.47 -11.28
N TRP A 171 19.06 -2.02 -10.18
CA TRP A 171 19.94 -1.28 -9.29
C TRP A 171 21.08 -0.67 -10.08
N PRO A 172 21.38 0.62 -9.89
CA PRO A 172 22.58 1.19 -10.52
C PRO A 172 23.84 0.61 -9.88
N VAL A 173 24.94 0.81 -10.59
CA VAL A 173 26.27 0.39 -10.18
C VAL A 173 27.11 1.64 -9.98
N PHE A 174 27.72 1.77 -8.80
CA PHE A 174 28.57 2.92 -8.48
C PHE A 174 29.72 2.43 -7.61
N ASP A 175 30.69 3.31 -7.42
CA ASP A 175 31.83 3.06 -6.54
C ASP A 175 31.33 2.58 -5.17
N GLU A 176 31.94 1.52 -4.66
CA GLU A 176 31.52 0.96 -3.37
C GLU A 176 31.76 1.91 -2.21
N ASN A 177 32.60 2.93 -2.37
CA ASN A 177 32.78 3.93 -1.31
C ASN A 177 31.72 5.03 -1.33
N THR A 178 30.75 4.96 -2.24
CA THR A 178 29.61 5.87 -2.25
C THR A 178 28.88 5.84 -0.91
N ALA A 179 28.43 7.01 -0.44
CA ALA A 179 27.68 7.05 0.82
C ALA A 179 26.39 6.26 0.70
N SER A 180 26.03 5.55 1.75
CA SER A 180 24.89 4.64 1.73
C SER A 180 23.80 5.00 2.72
N SER A 181 24.17 5.49 3.90
CA SER A 181 23.24 5.66 5.01
C SER A 181 23.86 6.62 6.02
N LEU A 182 23.05 7.00 7.01
CA LEU A 182 23.38 8.11 7.90
C LEU A 182 22.69 7.92 9.24
N CYS A 183 23.47 7.96 10.31
CA CYS A 183 22.93 7.86 11.67
C CYS A 183 23.58 8.94 12.52
N TYR A 184 22.76 9.68 13.26
CA TYR A 184 23.30 10.73 14.13
C TYR A 184 23.50 10.19 15.54
N THR A 185 24.53 10.70 16.20
CA THR A 185 24.80 10.35 17.59
C THR A 185 23.80 11.02 18.53
N SER A 186 23.94 10.71 19.80
CA SER A 186 23.19 11.39 20.87
C SER A 186 23.66 12.84 21.12
N GLY A 190 27.83 19.07 21.91
CA GLY A 190 26.69 19.89 21.51
C GLY A 190 25.56 19.22 20.74
N HIS A 191 25.43 19.54 19.46
CA HIS A 191 24.42 18.92 18.63
C HIS A 191 24.79 17.47 18.32
N PRO A 192 23.81 16.65 17.95
CA PRO A 192 24.13 15.36 17.36
C PRO A 192 25.02 15.51 16.14
N LYS A 193 25.84 14.49 15.92
CA LYS A 193 26.77 14.45 14.80
C LYS A 193 26.47 13.22 13.97
N GLY A 194 26.42 13.38 12.65
CA GLY A 194 26.06 12.30 11.76
C GLY A 194 27.26 11.50 11.30
N VAL A 195 27.14 10.18 11.34
CA VAL A 195 28.17 9.34 10.75
C VAL A 195 27.63 8.79 9.43
N LEU A 196 28.40 8.99 8.36
CA LEU A 196 27.97 8.72 6.99
C LEU A 196 28.66 7.45 6.52
N TYR A 197 27.90 6.36 6.44
CA TYR A 197 28.44 5.06 6.06
C TYR A 197 28.57 4.97 4.54
N SER A 198 29.39 4.02 4.10
CA SER A 198 29.51 3.71 2.69
C SER A 198 28.93 2.32 2.45
N HIS A 199 28.74 2.00 1.18
CA HIS A 199 28.36 0.63 0.83
C HIS A 199 29.45 -0.35 1.23
N ARG A 200 30.71 0.01 1.00
CA ARG A 200 31.83 -0.82 1.43
C ARG A 200 31.82 -1.07 2.92
N SER A 201 31.73 -0.01 3.74
CA SER A 201 31.82 -0.21 5.19
C SER A 201 30.66 -1.05 5.71
N THR A 202 29.44 -0.77 5.23
CA THR A 202 28.27 -1.58 5.54
C THR A 202 28.50 -3.07 5.23
N VAL A 203 29.01 -3.38 4.04
CA VAL A 203 29.07 -4.77 3.62
C VAL A 203 30.17 -5.52 4.38
N LEU A 204 31.31 -4.88 4.60
CA LEU A 204 32.36 -5.53 5.37
C LEU A 204 31.94 -5.71 6.82
N HIS A 205 31.17 -4.75 7.37
CA HIS A 205 30.66 -4.92 8.72
C HIS A 205 29.69 -6.11 8.81
N SER A 206 28.83 -6.30 7.81
CA SER A 206 27.94 -7.47 7.82
C SER A 206 28.74 -8.75 7.72
N PHE A 207 29.74 -8.78 6.83
CA PHE A 207 30.66 -9.91 6.77
C PHE A 207 31.20 -10.23 8.16
N ALA A 208 31.84 -9.26 8.79
CA ALA A 208 32.37 -9.49 10.14
C ALA A 208 31.30 -9.95 11.12
N SER A 209 30.13 -9.30 11.12
CA SER A 209 29.10 -9.65 12.10
C SER A 209 28.52 -11.04 11.82
N ASN A 210 28.62 -11.49 10.57
CA ASN A 210 28.12 -12.78 10.16
C ASN A 210 29.09 -13.90 10.45
N THR A 211 30.27 -13.60 10.98
CA THR A 211 31.18 -14.65 11.38
C THR A 211 30.72 -15.26 12.68
N ARG A 212 31.22 -16.48 12.94
CA ARG A 212 30.62 -17.29 13.99
C ARG A 212 30.93 -16.72 15.37
N ASP A 213 32.11 -16.15 15.58
CA ASP A 213 32.48 -15.62 16.89
C ASP A 213 32.04 -14.18 17.12
N VAL A 214 31.25 -13.60 16.22
CA VAL A 214 30.71 -12.25 16.48
C VAL A 214 29.24 -12.42 16.77
N ILE A 215 28.39 -12.32 15.75
CA ILE A 215 27.00 -12.72 15.94
C ILE A 215 26.81 -13.99 15.13
N GLY A 216 26.86 -13.88 13.81
CA GLY A 216 26.81 -15.05 12.95
C GLY A 216 25.39 -15.53 12.71
N TYR A 217 24.74 -14.95 11.71
CA TYR A 217 23.37 -15.33 11.40
C TYR A 217 23.37 -16.57 10.51
N SER A 218 22.52 -17.52 10.83
CA SER A 218 22.40 -18.70 9.98
C SER A 218 21.04 -18.70 9.31
N ALA A 219 20.97 -19.37 8.16
CA ALA A 219 19.67 -19.52 7.49
C ALA A 219 18.69 -20.31 8.34
N MET A 220 19.19 -21.12 9.28
CA MET A 220 18.33 -21.84 10.21
C MET A 220 17.81 -20.95 11.34
N ASP A 221 18.27 -19.69 11.42
CA ASP A 221 17.85 -18.83 12.50
C ASP A 221 16.50 -18.19 12.24
N VAL A 222 15.76 -17.95 13.32
CA VAL A 222 14.68 -16.98 13.36
C VAL A 222 15.20 -15.83 14.19
N VAL A 223 15.48 -14.68 13.56
CA VAL A 223 16.16 -13.57 14.22
C VAL A 223 15.14 -12.50 14.55
N MET A 224 15.08 -12.12 15.83
CA MET A 224 14.24 -11.00 16.26
C MET A 224 15.14 -9.82 16.64
N PRO A 225 15.34 -8.84 15.77
CA PRO A 225 15.99 -7.60 16.22
C PRO A 225 15.01 -6.75 17.00
N VAL A 226 15.21 -6.66 18.31
CA VAL A 226 14.44 -5.69 19.08
C VAL A 226 15.19 -4.36 19.13
N VAL A 227 16.51 -4.39 19.02
CA VAL A 227 17.30 -3.17 18.84
C VAL A 227 16.69 -2.41 17.67
N PRO A 228 16.54 -1.09 17.79
CA PRO A 228 15.81 -0.37 16.74
C PRO A 228 16.60 -0.28 15.44
N MET A 229 15.90 -0.39 14.32
CA MET A 229 16.46 -0.02 13.03
C MET A 229 16.63 1.48 12.88
N PHE A 230 16.04 2.27 13.79
CA PHE A 230 16.23 3.72 13.69
C PHE A 230 17.53 4.19 14.32
N HIS A 231 18.30 3.31 14.95
CA HIS A 231 19.58 3.72 15.49
C HIS A 231 20.62 2.63 15.28
N VAL A 232 21.82 3.06 14.86
CA VAL A 232 22.98 2.22 14.53
C VAL A 232 22.58 0.97 13.74
N ASN A 233 21.69 1.14 12.76
CA ASN A 233 21.36 0.11 11.78
C ASN A 233 20.81 -1.19 12.40
N ALA A 234 20.21 -1.13 13.59
CA ALA A 234 19.81 -2.35 14.31
C ALA A 234 20.98 -3.31 14.41
N TRP A 235 22.16 -2.75 14.67
CA TRP A 235 23.41 -3.51 14.79
C TRP A 235 23.77 -4.28 13.52
N GLY A 236 23.28 -3.81 12.36
CA GLY A 236 23.60 -4.41 11.09
C GLY A 236 22.75 -5.59 10.68
N SER A 237 21.80 -6.01 11.53
CA SER A 237 21.07 -7.25 11.29
C SER A 237 20.21 -7.24 10.03
N PRO A 238 19.75 -6.09 9.53
CA PRO A 238 19.02 -6.13 8.25
C PRO A 238 19.92 -6.49 7.09
N TYR A 239 21.22 -6.23 7.21
CA TYR A 239 22.24 -6.58 6.25
C TYR A 239 22.73 -8.00 6.45
N GLY A 240 23.07 -8.36 7.69
CA GLY A 240 23.61 -9.68 7.97
C GLY A 240 22.60 -10.81 7.74
N CYS A 241 21.34 -10.59 8.13
CA CYS A 241 20.31 -11.62 7.91
C CYS A 241 20.03 -11.83 6.42
N ALA A 242 20.20 -10.78 5.62
CA ALA A 242 20.09 -10.92 4.16
C ALA A 242 21.26 -11.73 3.59
N MET A 243 22.49 -11.46 4.04
CA MET A 243 23.67 -12.23 3.60
C MET A 243 23.48 -13.72 3.81
N SER A 244 22.87 -14.12 4.93
CA SER A 244 22.70 -15.54 5.21
C SER A 244 21.30 -16.07 4.92
N GLY A 245 20.37 -15.24 4.46
CA GLY A 245 18.99 -15.70 4.34
C GLY A 245 18.33 -16.14 5.64
N ALA A 246 18.69 -15.53 6.77
CA ALA A 246 17.98 -15.80 8.02
C ALA A 246 16.51 -15.39 7.94
N GLN A 247 15.64 -16.17 8.59
CA GLN A 247 14.30 -15.70 8.90
C GLN A 247 14.36 -14.51 9.85
N MET A 248 13.39 -13.60 9.73
CA MET A 248 13.30 -12.44 10.63
C MET A 248 11.90 -12.27 11.20
N VAL A 249 11.85 -11.81 12.45
CA VAL A 249 10.63 -11.40 13.12
C VAL A 249 10.84 -9.93 13.50
N LEU A 250 10.14 -9.03 12.82
CA LEU A 250 10.27 -7.59 13.08
C LEU A 250 9.16 -7.13 14.02
N PRO A 251 9.48 -6.71 15.26
CA PRO A 251 8.45 -6.57 16.29
C PRO A 251 7.62 -5.28 16.28
N GLY A 252 7.88 -4.32 15.39
CA GLY A 252 7.09 -3.12 15.31
C GLY A 252 7.05 -2.34 16.62
N PRO A 253 5.90 -1.73 16.95
CA PRO A 253 5.83 -0.85 18.14
C PRO A 253 5.65 -1.54 19.48
N ASP A 254 5.29 -2.82 19.54
CA ASP A 254 4.95 -3.44 20.82
C ASP A 254 6.19 -4.15 21.36
N LEU A 255 6.95 -3.46 22.21
CA LEU A 255 8.19 -4.01 22.71
C LEU A 255 8.14 -4.33 24.19
N HIS A 256 6.95 -4.31 24.80
CA HIS A 256 6.83 -4.68 26.20
C HIS A 256 7.03 -6.20 26.36
N GLY A 257 7.26 -6.61 27.61
CA GLY A 257 7.67 -8.00 27.86
C GLY A 257 6.70 -9.05 27.33
N GLU A 258 5.39 -8.84 27.52
CA GLU A 258 4.42 -9.85 27.11
C GLU A 258 4.42 -10.04 25.60
N ALA A 259 4.55 -8.94 24.84
CA ALA A 259 4.51 -9.03 23.38
C ALA A 259 5.75 -9.74 22.85
N LEU A 260 6.91 -9.45 23.45
CA LEU A 260 8.15 -10.09 23.03
C LEU A 260 8.15 -11.58 23.34
N VAL A 261 7.72 -11.94 24.56
CA VAL A 261 7.65 -13.37 24.88
C VAL A 261 6.71 -14.08 23.91
N ASN A 262 5.59 -13.44 23.54
CA ASN A 262 4.67 -14.08 22.61
C ASN A 262 5.29 -14.21 21.21
N LEU A 263 6.06 -13.21 20.76
CA LEU A 263 6.75 -13.35 19.47
C LEU A 263 7.71 -14.53 19.50
N ILE A 264 8.48 -14.66 20.56
CA ILE A 264 9.43 -15.76 20.66
C ILE A 264 8.71 -17.10 20.58
N ASP A 265 7.64 -17.26 21.37
CA ASP A 265 6.97 -18.55 21.43
C ASP A 265 6.11 -18.82 20.19
N THR A 266 5.57 -17.77 19.56
CA THR A 266 4.71 -18.00 18.39
C THR A 266 5.52 -18.32 17.15
N TYR A 267 6.66 -17.67 16.95
CA TYR A 267 7.41 -17.82 15.72
C TYR A 267 8.70 -18.60 15.92
N GLY A 268 8.97 -19.05 17.14
CA GLY A 268 10.14 -19.85 17.41
C GLY A 268 11.43 -19.10 17.21
N VAL A 269 11.51 -17.87 17.74
CA VAL A 269 12.73 -17.07 17.65
C VAL A 269 13.90 -17.83 18.25
N THR A 270 14.99 -17.93 17.49
CA THR A 270 16.22 -18.57 17.97
C THR A 270 17.27 -17.58 18.44
N LEU A 271 17.30 -16.39 17.83
CA LEU A 271 18.28 -15.36 18.17
C LEU A 271 17.54 -14.05 18.39
N ALA A 272 17.69 -13.47 19.56
CA ALA A 272 17.05 -12.20 19.86
C ALA A 272 18.12 -11.16 20.18
N MET A 273 17.92 -9.93 19.70
CA MET A 273 18.89 -8.87 19.90
C MET A 273 18.20 -7.68 20.55
N GLY A 274 18.71 -7.26 21.70
CA GLY A 274 18.14 -6.13 22.39
C GLY A 274 19.12 -5.49 23.35
N VAL A 275 18.60 -4.56 24.15
CA VAL A 275 19.36 -3.82 25.16
C VAL A 275 18.84 -4.24 26.53
N PRO A 276 19.58 -4.00 27.62
CA PRO A 276 19.15 -4.54 28.92
C PRO A 276 17.77 -4.09 29.40
N THR A 277 17.37 -2.83 29.21
CA THR A 277 16.06 -2.42 29.73
C THR A 277 14.92 -3.17 29.07
N ILE A 278 15.00 -3.39 27.75
CA ILE A 278 13.95 -4.15 27.05
C ILE A 278 13.93 -5.61 27.50
N TRP A 279 15.11 -6.21 27.68
CA TRP A 279 15.19 -7.58 28.14
C TRP A 279 14.65 -7.74 29.57
N GLN A 280 14.83 -6.71 30.40
CA GLN A 280 14.30 -6.80 31.76
C GLN A 280 12.79 -6.94 31.75
N GLY A 281 12.11 -6.24 30.83
CA GLY A 281 10.68 -6.47 30.66
C GLY A 281 10.36 -7.86 30.16
N LEU A 282 11.17 -8.36 29.22
CA LEU A 282 10.95 -9.70 28.70
C LEU A 282 11.14 -10.76 29.79
N LEU A 283 12.25 -10.69 30.52
CA LEU A 283 12.49 -11.66 31.58
C LEU A 283 11.44 -11.57 32.68
N ALA A 284 10.95 -10.36 32.98
CA ALA A 284 9.90 -10.23 33.98
C ALA A 284 8.65 -11.00 33.57
N HIS A 285 8.18 -10.78 32.34
CA HIS A 285 6.99 -11.48 31.88
C HIS A 285 7.22 -12.98 31.83
N ALA A 286 8.34 -13.40 31.23
CA ALA A 286 8.62 -14.83 31.06
C ALA A 286 8.60 -15.56 32.40
N ALA A 287 9.21 -14.97 33.43
CA ALA A 287 9.21 -15.62 34.73
C ALA A 287 7.80 -15.73 35.31
N LYS A 288 6.91 -14.81 34.94
CA LYS A 288 5.56 -14.80 35.49
C LYS A 288 4.68 -15.84 34.80
N CYS A 289 4.85 -16.02 33.49
CA CYS A 289 3.96 -16.92 32.76
C CYS A 289 4.52 -18.33 32.65
N GLY A 290 5.74 -18.55 33.13
CA GLY A 290 6.32 -19.88 33.15
C GLY A 290 6.76 -20.42 31.81
N THR A 291 6.76 -19.61 30.74
CA THR A 291 7.25 -20.09 29.47
C THR A 291 8.71 -20.53 29.60
N LYS A 292 9.09 -21.49 28.74
CA LYS A 292 10.47 -21.95 28.65
C LYS A 292 11.30 -21.16 27.64
N LEU A 293 10.66 -20.33 26.82
CA LEU A 293 11.31 -19.74 25.65
C LEU A 293 12.03 -20.82 24.86
N GLU A 294 11.24 -21.83 24.48
CA GLU A 294 11.77 -23.12 24.04
C GLU A 294 12.76 -22.97 22.88
N SER A 295 12.40 -22.18 21.87
CA SER A 295 13.22 -22.06 20.69
C SER A 295 14.40 -21.12 20.87
N LEU A 296 14.39 -20.26 21.88
CA LEU A 296 15.47 -19.29 22.01
C LEU A 296 16.75 -20.04 22.33
N GLU A 297 17.80 -19.76 21.55
CA GLU A 297 19.12 -20.31 21.80
C GLU A 297 20.09 -19.29 22.35
N ARG A 298 20.05 -18.06 21.85
CA ARG A 298 21.03 -17.09 22.29
C ARG A 298 20.48 -15.69 22.10
N THR A 299 21.06 -14.76 22.85
CA THR A 299 20.67 -13.38 22.75
C THR A 299 21.89 -12.50 22.58
N VAL A 300 21.73 -11.40 21.87
CA VAL A 300 22.75 -10.37 21.79
C VAL A 300 22.29 -9.17 22.61
N ILE A 301 23.14 -8.71 23.51
CA ILE A 301 22.84 -7.57 24.36
C ILE A 301 23.96 -6.55 24.20
N GLY A 302 23.63 -5.39 23.66
CA GLY A 302 24.60 -4.31 23.56
C GLY A 302 23.97 -2.98 23.89
N GLY A 303 24.69 -1.89 23.70
CA GLY A 303 24.12 -0.55 23.86
C GLY A 303 24.27 0.01 25.25
N ALA A 304 24.11 -0.83 26.26
CA ALA A 304 24.43 -0.48 27.64
C ALA A 304 25.00 -1.72 28.30
N ALA A 305 25.76 -1.50 29.37
CA ALA A 305 26.45 -2.59 30.04
C ALA A 305 25.49 -3.72 30.36
N CYS A 306 25.83 -4.90 29.87
CA CYS A 306 25.06 -6.08 30.12
C CYS A 306 25.28 -6.57 31.55
N PRO A 307 24.26 -6.57 32.41
CA PRO A 307 24.43 -7.02 33.82
C PRO A 307 24.76 -8.50 33.90
N PRO A 308 25.76 -8.87 34.70
CA PRO A 308 26.11 -10.30 34.80
C PRO A 308 24.97 -11.18 35.25
N SER A 309 24.13 -10.72 36.20
CA SER A 309 23.04 -11.58 36.64
C SER A 309 21.97 -11.76 35.55
N MET A 310 21.88 -10.84 34.60
CA MET A 310 21.05 -11.10 33.42
C MET A 310 21.63 -12.25 32.59
N ILE A 311 22.95 -12.27 32.39
CA ILE A 311 23.58 -13.40 31.70
C ILE A 311 23.29 -14.70 32.44
N ALA A 312 23.38 -14.67 33.78
CA ALA A 312 23.16 -15.89 34.56
C ALA A 312 21.71 -16.35 34.45
N THR A 313 20.77 -15.41 34.39
CA THR A 313 19.37 -15.79 34.25
C THR A 313 19.12 -16.52 32.94
N PHE A 314 19.52 -15.91 31.82
CA PHE A 314 19.37 -16.57 30.53
C PHE A 314 20.05 -17.93 30.54
N ARG A 315 21.26 -18.00 31.10
CA ARG A 315 22.00 -19.26 31.08
C ARG A 315 21.35 -20.34 31.94
N GLU A 316 21.04 -20.04 33.21
CA GLU A 316 20.59 -21.07 34.15
C GLU A 316 19.10 -21.32 34.14
N LYS A 317 18.28 -20.29 33.90
CA LYS A 317 16.85 -20.56 33.77
C LYS A 317 16.51 -21.13 32.41
N TYR A 318 17.21 -20.71 31.36
CA TYR A 318 16.76 -21.00 30.00
C TYR A 318 17.77 -21.72 29.13
N GLY A 319 18.99 -21.98 29.61
CA GLY A 319 19.96 -22.54 28.69
C GLY A 319 20.21 -21.70 27.45
N VAL A 320 20.17 -20.38 27.59
CA VAL A 320 20.34 -19.44 26.47
C VAL A 320 21.66 -18.72 26.70
N ASP A 321 22.52 -18.72 25.68
CA ASP A 321 23.79 -18.03 25.79
C ASP A 321 23.65 -16.55 25.45
N THR A 322 24.30 -15.70 26.22
CA THR A 322 24.24 -14.25 26.02
C THR A 322 25.56 -13.74 25.44
N VAL A 323 25.48 -13.14 24.25
CA VAL A 323 26.62 -12.43 23.67
C VAL A 323 26.51 -10.95 24.08
N HIS A 324 27.34 -10.55 25.02
CA HIS A 324 27.56 -9.13 25.28
C HIS A 324 28.39 -8.52 24.14
N ALA A 325 27.81 -7.58 23.41
CA ALA A 325 28.47 -6.88 22.32
C ALA A 325 28.51 -5.40 22.64
N TRP A 326 29.54 -4.71 22.14
CA TRP A 326 29.73 -3.29 22.40
C TRP A 326 29.92 -2.57 21.08
N GLY A 327 29.52 -1.31 21.04
CA GLY A 327 29.77 -0.50 19.85
C GLY A 327 29.15 0.88 19.97
N MET A 328 29.14 1.59 18.85
CA MET A 328 28.60 2.94 18.82
C MET A 328 28.32 3.32 17.38
N SER A 329 27.54 4.40 17.22
CA SER A 329 27.23 4.92 15.89
C SER A 329 28.49 5.01 15.02
N GLU A 330 29.58 5.50 15.60
CA GLU A 330 30.83 5.73 14.88
C GLU A 330 31.51 4.44 14.39
N MET A 331 31.07 3.27 14.84
CA MET A 331 31.64 1.99 14.39
C MET A 331 30.60 1.08 13.73
N SER A 332 29.49 1.64 13.24
CA SER A 332 28.55 0.98 12.31
C SER A 332 27.59 -0.16 12.77
N PRO A 333 27.55 -0.58 14.05
CA PRO A 333 28.14 -0.12 15.31
C PRO A 333 29.20 -1.03 15.91
N LEU A 334 29.44 -2.21 15.36
CA LEU A 334 30.05 -3.27 16.16
C LEU A 334 31.54 -3.06 16.39
N GLY A 335 31.93 -3.11 17.67
CA GLY A 335 33.32 -2.99 18.05
C GLY A 335 33.85 -4.28 18.60
N THR A 336 33.14 -4.88 19.56
CA THR A 336 33.58 -6.10 20.22
C THR A 336 32.39 -7.02 20.45
N ALA A 337 32.69 -8.27 20.77
CA ALA A 337 31.66 -9.22 21.15
C ALA A 337 32.31 -10.20 22.11
N ASN A 338 31.59 -10.56 23.17
CA ASN A 338 32.18 -11.42 24.18
C ASN A 338 31.86 -12.87 23.84
N ILE A 339 32.85 -13.53 23.25
CA ILE A 339 32.82 -14.95 22.93
C ILE A 339 34.11 -15.48 23.53
N PRO A 340 34.13 -16.68 24.11
CA PRO A 340 35.36 -17.15 24.76
C PRO A 340 36.41 -17.64 23.75
N LEU A 341 37.60 -17.85 24.29
CA LEU A 341 38.74 -18.44 23.60
C LEU A 341 38.92 -19.90 24.04
N ALA A 342 39.75 -20.62 23.28
CA ALA A 342 40.02 -22.02 23.57
C ALA A 342 40.50 -22.22 25.00
N LYS A 343 41.54 -21.48 25.38
CA LYS A 343 42.11 -21.64 26.71
C LYS A 343 41.09 -21.43 27.83
N HIS A 344 39.89 -20.90 27.54
CA HIS A 344 38.93 -20.65 28.61
C HIS A 344 38.19 -21.90 29.09
N ARG A 345 38.16 -22.97 28.29
CA ARG A 345 37.47 -24.20 28.70
C ARG A 345 38.16 -24.92 29.85
N LYS A 346 39.44 -24.60 30.08
CA LYS A 346 40.21 -25.29 31.09
C LYS A 346 40.17 -24.56 32.43
N LEU A 347 39.60 -23.35 32.48
CA LEU A 347 39.33 -22.72 33.76
C LEU A 347 38.16 -23.40 34.46
N PRO A 348 38.09 -23.28 35.79
CA PRO A 348 36.89 -23.69 36.51
C PRO A 348 35.66 -22.90 36.08
N ILE A 349 34.57 -23.63 35.84
CA ILE A 349 33.30 -23.14 35.28
C ILE A 349 32.90 -21.76 35.79
N GLU A 350 33.19 -21.45 37.05
CA GLU A 350 32.79 -20.15 37.57
C GLU A 350 33.68 -19.03 37.03
N GLU A 351 34.98 -19.29 36.89
CA GLU A 351 35.82 -18.30 36.24
C GLU A 351 35.42 -18.11 34.79
N GLN A 352 34.94 -19.19 34.15
CA GLN A 352 34.39 -19.10 32.80
C GLN A 352 33.19 -18.18 32.73
N HIS A 353 32.42 -18.07 33.79
CA HIS A 353 31.28 -17.19 33.77
C HIS A 353 31.64 -15.73 33.90
N LYS A 354 32.59 -15.40 34.75
CA LYS A 354 32.98 -14.00 34.88
C LYS A 354 33.69 -13.49 33.63
N LEU A 355 34.36 -14.38 32.89
CA LEU A 355 34.99 -13.97 31.64
C LEU A 355 33.96 -13.51 30.61
N ARG A 356 32.72 -13.96 30.71
CA ARG A 356 31.67 -13.53 29.79
C ARG A 356 31.14 -12.12 30.08
N GLU A 357 31.69 -11.42 31.07
CA GLU A 357 31.04 -10.22 31.58
C GLU A 357 31.48 -8.93 30.89
N ASN A 358 32.70 -8.85 30.38
CA ASN A 358 33.15 -7.57 29.82
C ASN A 358 32.53 -7.35 28.44
N GLN A 359 32.81 -6.18 27.85
CA GLN A 359 32.25 -5.82 26.54
C GLN A 359 32.75 -6.71 25.39
N GLY A 360 33.83 -7.48 25.55
CA GLY A 360 34.19 -8.48 24.57
C GLY A 360 35.53 -8.23 23.90
N ARG A 361 35.83 -9.08 22.83
CA ARG A 361 37.01 -9.11 22.00
C ARG A 361 36.69 -8.64 20.57
N PRO A 362 37.61 -7.92 19.91
CA PRO A 362 37.31 -7.35 18.60
C PRO A 362 37.50 -8.39 17.51
N PRO A 363 36.65 -8.36 16.49
CA PRO A 363 36.83 -9.26 15.34
C PRO A 363 37.84 -8.66 14.38
N PHE A 364 38.22 -9.48 13.39
CA PHE A 364 39.02 -8.95 12.31
C PHE A 364 38.28 -7.82 11.62
N GLY A 365 38.99 -6.73 11.34
CA GLY A 365 38.41 -5.55 10.77
C GLY A 365 38.31 -4.40 11.73
N VAL A 366 38.51 -4.64 13.03
CA VAL A 366 38.58 -3.56 14.01
C VAL A 366 39.80 -3.76 14.89
N GLU A 367 40.46 -2.67 15.23
CA GLU A 367 41.61 -2.69 16.12
C GLU A 367 41.33 -1.74 17.29
N LEU A 368 41.78 -2.12 18.48
CA LEU A 368 41.57 -1.35 19.71
C LEU A 368 42.90 -0.98 20.33
N LYS A 369 43.01 0.22 20.89
CA LYS A 369 44.10 0.51 21.81
C LYS A 369 43.65 1.55 22.85
N ILE A 370 44.43 1.65 23.94
CA ILE A 370 44.21 2.66 24.97
C ILE A 370 45.44 3.53 25.09
N VAL A 371 45.23 4.85 25.21
CA VAL A 371 46.30 5.84 25.26
C VAL A 371 46.18 6.69 26.52
N ASP A 372 47.30 7.22 26.99
CA ASP A 372 47.28 8.09 28.16
C ASP A 372 46.84 9.49 27.75
N ASP A 373 46.89 10.43 28.68
CA ASP A 373 46.32 11.75 28.47
C ASP A 373 47.12 12.60 27.48
N ASP A 374 48.30 12.14 27.08
CA ASP A 374 49.10 12.84 26.08
C ASP A 374 49.13 12.12 24.75
N GLY A 375 48.34 11.06 24.59
CA GLY A 375 48.24 10.34 23.33
C GLY A 375 49.08 9.09 23.22
N ASN A 376 49.85 8.74 24.26
CA ASN A 376 50.82 7.65 24.19
C ASN A 376 50.19 6.32 24.59
N ASP A 377 50.65 5.26 23.93
CA ASP A 377 50.09 3.93 24.15
C ASP A 377 50.33 3.46 25.58
N LEU A 378 49.35 2.76 26.12
CA LEU A 378 49.40 2.17 27.44
C LEU A 378 49.35 0.65 27.32
N PRO A 379 49.94 -0.07 28.26
CA PRO A 379 50.00 -1.53 28.13
C PRO A 379 48.60 -2.13 28.17
N HIS A 380 48.41 -3.18 27.39
CA HIS A 380 47.12 -3.89 27.40
C HIS A 380 47.19 -5.04 28.41
N ASP A 381 47.23 -4.65 29.69
CA ASP A 381 47.37 -5.58 30.82
C ASP A 381 46.05 -5.88 31.51
N GLY A 382 44.93 -5.36 31.02
CA GLY A 382 43.64 -5.57 31.65
C GLY A 382 43.40 -4.75 32.90
N VAL A 383 44.34 -3.89 33.30
CA VAL A 383 44.24 -3.19 34.58
C VAL A 383 44.47 -1.70 34.40
N THR A 384 45.44 -1.33 33.56
CA THR A 384 45.67 0.09 33.31
C THR A 384 44.49 0.68 32.55
N GLN A 385 44.08 1.87 32.95
CA GLN A 385 42.95 2.55 32.31
C GLN A 385 43.47 3.65 31.39
N GLY A 386 42.88 3.75 30.20
CA GLY A 386 43.26 4.75 29.23
C GLY A 386 42.08 5.09 28.35
N ASP A 387 42.27 6.08 27.48
CA ASP A 387 41.22 6.48 26.55
C ASP A 387 41.19 5.50 25.37
N LEU A 388 40.06 4.82 25.20
CA LEU A 388 39.89 3.83 24.15
C LEU A 388 39.93 4.50 22.78
N MET A 389 40.77 3.96 21.89
CA MET A 389 40.92 4.42 20.51
C MET A 389 40.62 3.25 19.58
N VAL A 390 39.95 3.52 18.46
CA VAL A 390 39.56 2.44 17.54
C VAL A 390 39.87 2.84 16.11
N ARG A 391 40.04 1.81 15.27
CA ARG A 391 40.11 2.00 13.82
C ARG A 391 39.78 0.68 13.14
N GLY A 392 39.46 0.78 11.85
CA GLY A 392 39.20 -0.40 11.02
C GLY A 392 38.27 -0.05 9.88
N HIS A 393 37.83 -1.12 9.18
CA HIS A 393 37.12 -0.95 7.91
C HIS A 393 35.73 -0.31 8.04
N TRP A 394 35.16 -0.23 9.23
CA TRP A 394 33.83 0.38 9.40
C TRP A 394 33.81 1.32 10.60
N VAL A 395 34.95 2.02 10.84
CA VAL A 395 35.06 3.12 11.80
C VAL A 395 35.03 4.42 11.00
N LEU A 396 34.40 5.45 11.54
CA LEU A 396 34.28 6.68 10.77
C LEU A 396 35.64 7.37 10.64
N ASP A 397 35.74 8.18 9.59
CA ASP A 397 36.85 9.08 9.36
C ASP A 397 36.55 10.49 9.83
N SER A 398 35.31 10.94 9.71
CA SER A 398 34.90 12.28 10.08
C SER A 398 33.37 12.31 10.12
N TYR A 399 32.83 13.30 10.84
CA TYR A 399 31.39 13.43 10.96
C TYR A 399 30.80 14.18 9.75
N PHE A 400 29.49 14.01 9.57
CA PHE A 400 28.80 14.57 8.41
C PHE A 400 28.84 16.10 8.42
N GLN A 401 29.26 16.68 7.31
CA GLN A 401 29.40 18.13 7.14
C GLN A 401 30.41 18.74 8.12
N LEU A 402 31.40 17.96 8.55
CA LEU A 402 32.32 18.43 9.58
C LEU A 402 33.73 17.86 9.38
N LYS A 403 34.21 17.89 8.12
CA LYS A 403 35.49 17.22 7.85
C LYS A 403 36.71 17.98 8.36
N ASP A 404 36.67 19.32 8.38
CA ASP A 404 37.88 20.05 8.80
C ASP A 404 38.12 20.01 10.31
N GLN A 405 37.32 19.30 11.09
CA GLN A 405 37.43 19.38 12.54
C GLN A 405 38.52 18.46 13.11
N GLU A 406 39.41 17.95 12.26
CA GLU A 406 40.51 17.06 12.64
C GLU A 406 40.09 16.04 13.70
N LEU A 407 39.04 15.28 13.37
CA LEU A 407 38.51 14.29 14.30
C LEU A 407 39.56 13.25 14.69
N LEU A 408 40.07 12.49 13.73
CA LEU A 408 40.98 11.40 14.02
C LEU A 408 42.27 11.91 14.66
N GLN A 409 42.85 11.10 15.53
CA GLN A 409 44.13 11.42 16.16
C GLN A 409 45.14 10.37 15.73
N ASP A 410 46.05 10.75 14.84
CA ASP A 410 47.06 9.82 14.32
C ASP A 410 46.40 8.63 13.64
N GLY A 411 45.28 8.88 12.96
CA GLY A 411 44.57 7.84 12.24
C GLY A 411 43.62 7.01 13.08
N TRP A 412 43.45 7.34 14.36
CA TRP A 412 42.59 6.60 15.25
C TRP A 412 41.43 7.47 15.71
N PHE A 413 40.31 6.82 16.04
CA PHE A 413 39.13 7.52 16.55
C PHE A 413 39.01 7.32 18.06
N ALA A 414 38.91 8.44 18.79
CA ALA A 414 38.71 8.43 20.23
C ALA A 414 37.23 8.19 20.55
N THR A 415 36.93 7.10 21.25
CA THR A 415 35.56 6.73 21.52
C THR A 415 34.91 7.60 22.60
N GLY A 416 35.71 8.33 23.39
CA GLY A 416 35.20 9.01 24.57
C GLY A 416 35.05 8.13 25.77
N ASP A 417 35.38 6.84 25.67
CA ASP A 417 35.33 5.93 26.79
C ASP A 417 36.73 5.76 27.39
N VAL A 418 36.75 5.58 28.70
CA VAL A 418 37.93 5.07 29.40
C VAL A 418 37.76 3.56 29.50
N ALA A 419 38.81 2.82 29.18
CA ALA A 419 38.72 1.37 29.17
C ALA A 419 40.01 0.76 29.67
N THR A 420 39.92 -0.50 30.07
CA THR A 420 41.06 -1.41 30.14
C THR A 420 40.99 -2.34 28.93
N LEU A 421 42.15 -2.87 28.55
CA LEU A 421 42.26 -3.85 27.47
C LEU A 421 43.24 -4.92 27.91
N ASP A 422 42.83 -6.18 27.91
CA ASP A 422 43.73 -7.23 28.32
C ASP A 422 44.52 -7.73 27.12
N PRO A 423 45.49 -8.64 27.32
CA PRO A 423 46.35 -9.03 26.17
C PRO A 423 45.58 -9.66 25.01
N ASP A 424 44.42 -10.27 25.25
CA ASP A 424 43.64 -10.81 24.14
C ASP A 424 42.64 -9.81 23.58
N GLY A 425 42.71 -8.55 24.00
CA GLY A 425 41.81 -7.54 23.49
C GLY A 425 40.44 -7.51 24.12
N TYR A 426 40.20 -8.24 25.20
CA TYR A 426 38.95 -8.09 25.93
C TYR A 426 38.88 -6.71 26.55
N MET A 427 37.84 -5.95 26.20
CA MET A 427 37.69 -4.56 26.58
C MET A 427 36.65 -4.41 27.70
N THR A 428 36.90 -3.44 28.57
CA THR A 428 36.01 -3.17 29.71
C THR A 428 35.81 -1.67 29.78
N ILE A 429 34.58 -1.23 29.49
CA ILE A 429 34.25 0.18 29.69
C ILE A 429 34.34 0.47 31.19
N ARG A 430 34.95 1.61 31.52
CA ARG A 430 35.09 2.03 32.91
C ARG A 430 34.52 3.40 33.19
N ASP A 431 34.54 4.32 32.22
CA ASP A 431 34.15 5.70 32.45
C ASP A 431 34.10 6.42 31.11
N ARG A 432 33.62 7.66 31.15
CA ARG A 432 33.61 8.54 30.00
C ARG A 432 34.78 9.51 30.14
N SER A 433 35.64 9.56 29.11
CA SER A 433 36.85 10.40 29.11
C SER A 433 36.54 11.83 29.51
N LYS A 434 35.40 12.37 29.06
CA LYS A 434 35.12 13.78 29.31
C LYS A 434 34.65 14.02 30.73
N ASP A 435 34.27 12.98 31.44
CA ASP A 435 33.74 13.08 32.79
C ASP A 435 34.81 12.94 33.86
N ILE A 436 36.00 12.48 33.49
CA ILE A 436 37.02 12.09 34.47
C ILE A 436 37.92 13.28 34.79
N ILE A 437 38.07 13.56 36.08
CA ILE A 437 39.08 14.49 36.59
C ILE A 437 40.23 13.65 37.13
N LYS A 438 41.44 13.88 36.62
CA LYS A 438 42.60 13.03 36.90
C LYS A 438 43.36 13.53 38.12
N SER A 439 42.69 13.48 39.27
CA SER A 439 43.37 13.69 40.55
C SER A 439 44.32 12.53 40.81
N GLY A 440 45.61 12.84 41.00
CA GLY A 440 46.62 11.82 41.21
C GLY A 440 46.19 10.72 42.16
N GLY A 441 46.61 9.49 41.87
CA GLY A 441 46.06 8.37 42.61
C GLY A 441 44.76 7.90 41.98
N GLU A 442 43.63 8.15 42.63
CA GLU A 442 42.34 7.73 42.11
C GLU A 442 41.67 8.87 41.33
N TRP A 443 41.12 8.52 40.17
CA TRP A 443 40.35 9.45 39.34
C TRP A 443 38.96 9.67 39.93
N ILE A 444 38.31 10.75 39.49
CA ILE A 444 37.07 11.24 40.08
C ILE A 444 36.06 11.49 38.97
N SER A 445 34.84 10.98 39.14
CA SER A 445 33.77 11.24 38.20
C SER A 445 33.14 12.61 38.45
N SER A 446 33.11 13.43 37.41
CA SER A 446 32.52 14.75 37.53
C SER A 446 31.02 14.67 37.77
N VAL A 447 30.32 13.78 37.06
CA VAL A 447 28.87 13.79 37.16
C VAL A 447 28.42 13.29 38.53
N GLU A 448 29.16 12.34 39.12
CA GLU A 448 28.82 11.88 40.46
C GLU A 448 28.93 13.01 41.48
N LEU A 449 29.88 13.93 41.27
CA LEU A 449 29.97 15.09 42.14
C LEU A 449 28.83 16.07 41.86
N GLU A 450 28.52 16.31 40.59
CA GLU A 450 27.40 17.18 40.26
C GLU A 450 26.11 16.70 40.91
N ASN A 451 25.85 15.39 40.86
CA ASN A 451 24.58 14.86 41.32
C ASN A 451 24.41 15.01 42.82
N ILE A 452 25.50 14.97 43.57
CA ILE A 452 25.47 15.41 44.96
C ILE A 452 25.12 16.89 45.04
N ALA A 453 25.85 17.71 44.28
CA ALA A 453 25.77 19.17 44.44
C ALA A 453 24.38 19.71 44.09
N VAL A 454 23.82 19.28 42.96
CA VAL A 454 22.54 19.83 42.52
C VAL A 454 21.42 19.46 43.46
N ALA A 455 21.58 18.38 44.21
CA ALA A 455 20.62 18.00 45.22
C ALA A 455 20.65 18.90 46.44
N HIS A 456 21.59 19.82 46.53
CA HIS A 456 21.57 20.74 47.66
C HIS A 456 20.38 21.69 47.53
N PRO A 457 19.54 21.82 48.55
CA PRO A 457 18.34 22.68 48.41
C PRO A 457 18.65 24.14 48.15
N LYS A 458 19.83 24.62 48.54
CA LYS A 458 20.19 26.01 48.33
C LYS A 458 20.86 26.25 46.98
N LEU A 459 20.93 25.23 46.11
CA LEU A 459 21.51 25.37 44.78
C LEU A 459 20.45 25.13 43.72
N ALA A 460 20.29 26.09 42.80
CA ALA A 460 19.49 25.86 41.61
C ALA A 460 20.15 24.80 40.73
N THR A 461 21.36 25.08 40.27
CA THR A 461 22.16 24.11 39.53
C THR A 461 23.64 24.33 39.87
N ALA A 462 24.49 23.50 39.29
CA ALA A 462 25.94 23.56 39.50
C ALA A 462 26.61 22.68 38.46
N ALA A 463 27.89 22.97 38.20
CA ALA A 463 28.73 22.18 37.32
C ALA A 463 30.04 21.91 38.04
N VAL A 464 30.71 20.84 37.64
CA VAL A 464 31.97 20.44 38.22
C VAL A 464 33.06 20.19 37.16
N ILE A 465 34.16 20.87 37.33
CA ILE A 465 35.20 20.74 36.39
C ILE A 465 36.51 20.47 37.01
N GLY A 466 37.32 19.81 36.22
CA GLY A 466 38.66 19.50 36.57
C GLY A 466 39.38 20.76 36.29
N VAL A 467 40.19 21.16 37.24
CA VAL A 467 40.93 22.37 37.12
C VAL A 467 42.30 21.94 37.56
N PRO A 468 43.33 22.54 37.01
CA PRO A 468 44.68 22.08 37.36
C PRO A 468 45.12 22.45 38.77
N HIS A 469 46.02 21.62 39.30
CA HIS A 469 46.56 21.70 40.67
C HIS A 469 48.03 21.32 40.61
N PRO A 470 48.92 22.07 41.27
CA PRO A 470 50.36 21.78 41.15
C PRO A 470 50.78 20.48 41.80
N LYS A 471 50.00 19.92 42.71
CA LYS A 471 50.37 18.70 43.41
C LYS A 471 49.58 17.48 42.97
N TRP A 472 48.30 17.66 42.66
CA TRP A 472 47.40 16.58 42.29
C TRP A 472 47.02 16.60 40.82
N ASP A 473 47.67 17.45 40.01
CA ASP A 473 47.50 17.57 38.56
C ASP A 473 46.18 18.21 38.18
N GLU A 474 45.08 17.60 38.61
CA GLU A 474 43.73 17.99 38.26
C GLU A 474 42.86 17.82 39.50
N ARG A 475 42.12 18.86 39.85
CA ARG A 475 41.27 18.78 41.02
C ARG A 475 39.91 19.35 40.72
N PRO A 476 38.87 18.83 41.37
CA PRO A 476 37.50 19.26 41.05
C PRO A 476 37.16 20.62 41.63
N LEU A 477 36.51 21.43 40.82
CA LEU A 477 35.99 22.73 41.21
C LEU A 477 34.48 22.70 41.04
N LEU A 478 33.76 23.25 42.03
CA LEU A 478 32.30 23.35 42.01
C LEU A 478 31.89 24.75 41.54
N VAL A 479 31.23 24.82 40.39
CA VAL A 479 30.69 26.09 39.87
C VAL A 479 29.19 26.09 40.16
N ALA A 480 28.79 26.78 41.21
CA ALA A 480 27.42 26.70 41.70
C ALA A 480 26.65 27.99 41.43
N VAL A 481 25.34 27.86 41.24
CA VAL A 481 24.45 29.01 41.16
C VAL A 481 23.39 28.86 42.24
N LYS A 482 23.30 29.85 43.11
CA LYS A 482 22.47 29.74 44.30
C LYS A 482 20.99 29.66 43.94
N ALA A 483 20.25 28.84 44.68
CA ALA A 483 18.80 28.81 44.54
C ALA A 483 18.21 30.18 44.85
N GLU A 484 17.03 30.42 44.29
CA GLU A 484 16.37 31.72 44.43
C GLU A 484 16.18 32.08 45.90
N GLY A 485 16.56 33.32 46.25
CA GLY A 485 16.42 33.78 47.62
C GLY A 485 17.25 33.06 48.64
N GLU A 486 18.32 32.38 48.21
CA GLU A 486 19.20 31.65 49.12
C GLU A 486 20.63 32.15 48.97
N ASP A 487 21.40 32.06 50.05
CA ASP A 487 22.81 32.46 50.03
C ASP A 487 23.64 31.46 50.83
N PRO A 488 23.82 30.25 50.30
CA PRO A 488 24.67 29.27 50.99
C PRO A 488 26.14 29.69 50.98
N SER A 489 26.86 29.30 52.04
CA SER A 489 28.29 29.53 52.10
C SER A 489 29.05 28.39 51.42
N GLU A 490 30.29 28.68 51.02
CA GLU A 490 31.14 27.63 50.44
C GLU A 490 31.28 26.45 51.40
N ALA A 491 31.50 26.75 52.69
CA ALA A 491 31.81 25.70 53.66
C ALA A 491 30.65 24.71 53.80
N GLU A 492 29.41 25.20 53.84
CA GLU A 492 28.30 24.27 54.00
C GLU A 492 28.03 23.48 52.71
N LEU A 493 28.32 24.06 51.55
CA LEU A 493 28.20 23.30 50.31
C LEU A 493 29.19 22.14 50.27
N LEU A 494 30.45 22.39 50.67
CA LEU A 494 31.42 21.31 50.68
C LEU A 494 31.15 20.34 51.83
N GLU A 495 30.68 20.84 52.97
CA GLU A 495 30.30 19.99 54.09
C GLU A 495 29.18 19.03 53.69
N PHE A 496 28.30 19.46 52.78
CA PHE A 496 27.23 18.61 52.26
C PHE A 496 27.77 17.30 51.67
N PHE A 497 28.98 17.33 51.09
CA PHE A 497 29.57 16.13 50.51
C PHE A 497 30.01 15.11 51.57
N ASP A 498 30.15 15.52 52.83
CA ASP A 498 30.59 14.60 53.88
C ASP A 498 29.65 13.40 54.00
N GLY A 499 30.21 12.20 53.90
CA GLY A 499 29.44 10.97 53.96
C GLY A 499 28.79 10.55 52.64
N LYS A 500 28.70 11.45 51.66
CA LYS A 500 28.09 11.12 50.37
C LYS A 500 29.09 10.58 49.37
N ILE A 501 30.37 10.62 49.70
CA ILE A 501 31.44 10.28 48.78
C ILE A 501 32.75 10.37 49.57
N ALA A 502 33.78 9.65 49.13
CA ALA A 502 35.05 9.70 49.81
C ALA A 502 35.52 11.14 49.95
N LYS A 503 36.08 11.47 51.12
CA LYS A 503 36.47 12.83 51.43
C LYS A 503 37.43 13.42 50.41
N TRP A 504 38.33 12.60 49.86
CA TRP A 504 39.35 13.12 48.95
C TRP A 504 38.78 13.45 47.56
N GLN A 505 37.52 13.11 47.29
CA GLN A 505 36.86 13.48 46.04
C GLN A 505 36.02 14.74 46.16
N VAL A 506 35.93 15.32 47.35
CA VAL A 506 35.11 16.51 47.54
C VAL A 506 35.77 17.70 46.82
N PRO A 507 35.01 18.49 46.07
CA PRO A 507 35.59 19.66 45.41
C PRO A 507 36.40 20.53 46.36
N ASP A 508 37.49 21.09 45.84
CA ASP A 508 38.40 21.86 46.68
C ASP A 508 37.87 23.26 46.96
N LYS A 509 37.11 23.82 46.02
CA LYS A 509 36.71 25.21 46.11
C LYS A 509 35.34 25.36 45.49
N VAL A 510 34.59 26.36 45.95
CA VAL A 510 33.30 26.72 45.38
C VAL A 510 33.44 28.08 44.72
N VAL A 511 32.87 28.22 43.53
CA VAL A 511 32.73 29.51 42.87
C VAL A 511 31.28 29.70 42.50
N PHE A 512 30.72 30.88 42.85
CA PHE A 512 29.34 31.21 42.53
C PHE A 512 29.28 32.01 41.23
N VAL A 513 28.48 31.53 40.28
CA VAL A 513 28.11 32.27 39.10
C VAL A 513 26.60 32.48 39.16
N ASP A 514 26.12 33.49 38.44
CA ASP A 514 24.68 33.69 38.40
C ASP A 514 24.00 32.88 37.31
N ALA A 515 24.80 32.25 36.48
CA ALA A 515 24.34 31.36 35.45
C ALA A 515 25.50 30.70 34.74
N LEU A 516 25.33 29.48 34.29
CA LEU A 516 26.39 28.79 33.58
C LEU A 516 26.37 29.34 32.14
N PRO A 517 27.47 29.28 31.38
CA PRO A 517 27.41 29.80 29.99
C PRO A 517 27.01 28.84 28.87
N LEU A 518 25.72 28.74 28.51
CA LEU A 518 25.14 27.65 27.72
C LEU A 518 25.66 27.57 26.26
N ASN A 519 25.79 26.34 25.75
CA ASN A 519 25.89 26.13 24.30
C ASN A 519 24.48 26.06 23.75
N ALA A 520 24.29 25.54 22.53
CA ALA A 520 22.97 25.54 21.92
C ALA A 520 21.95 24.69 22.69
N THR A 521 22.34 24.18 23.87
CA THR A 521 21.42 23.59 24.85
C THR A 521 22.13 23.25 26.18
N GLY A 522 23.24 22.50 26.09
CA GLY A 522 24.00 22.06 27.26
C GLY A 522 25.08 23.04 27.71
N LYS A 523 25.95 22.60 28.59
CA LYS A 523 26.95 23.51 29.12
C LYS A 523 28.38 23.18 28.76
N VAL A 524 28.93 24.08 27.96
CA VAL A 524 30.30 24.09 27.49
C VAL A 524 31.18 24.37 28.70
N LEU A 525 31.45 23.35 29.52
CA LEU A 525 32.36 23.49 30.65
C LEU A 525 33.84 23.51 30.23
N LYS A 526 34.15 23.81 28.94
CA LYS A 526 35.50 24.06 28.47
C LYS A 526 36.03 25.40 28.99
N ARG A 527 35.28 25.96 29.91
CA ARG A 527 35.66 27.18 30.59
C ARG A 527 35.42 26.86 32.06
N LYS A 528 36.42 26.55 32.88
CA LYS A 528 37.87 26.52 32.57
C LYS A 528 38.44 27.82 32.01
N LEU A 529 38.29 28.93 32.74
CA LEU A 529 39.02 30.16 32.43
C LEU A 529 39.10 31.07 33.66
N MET B 1 -30.73 -40.74 -34.30
CA MET B 1 -29.35 -41.11 -33.99
C MET B 1 -28.59 -39.90 -33.47
N LEU B 2 -27.99 -40.02 -32.29
CA LEU B 2 -27.15 -38.98 -31.72
C LEU B 2 -25.71 -39.08 -32.20
N GLY B 3 -25.03 -37.95 -32.15
CA GLY B 3 -23.59 -37.93 -32.35
C GLY B 3 -22.88 -38.77 -31.32
N GLN B 4 -21.58 -38.97 -31.55
CA GLN B 4 -20.74 -39.77 -30.67
C GLN B 4 -19.57 -38.94 -30.20
N MET B 5 -19.88 -37.76 -29.69
CA MET B 5 -18.89 -36.84 -29.13
C MET B 5 -19.03 -36.81 -27.62
N MET B 6 -17.92 -36.54 -26.93
CA MET B 6 -17.99 -36.21 -25.52
C MET B 6 -19.01 -35.10 -25.30
N THR B 7 -19.80 -35.24 -24.25
CA THR B 7 -20.73 -34.19 -23.85
C THR B 7 -20.43 -33.82 -22.41
N GLN B 8 -20.33 -32.52 -22.18
CA GLN B 8 -19.94 -31.93 -20.92
C GLN B 8 -20.80 -30.68 -20.74
N PRO B 9 -21.26 -30.40 -19.52
CA PRO B 9 -22.10 -29.22 -19.32
C PRO B 9 -21.28 -27.95 -19.48
N LEU B 10 -21.94 -26.90 -19.99
CA LEU B 10 -21.35 -25.57 -20.10
C LEU B 10 -21.44 -24.91 -18.74
N LEU B 11 -20.39 -25.07 -17.95
CA LEU B 11 -20.36 -24.60 -16.57
C LEU B 11 -19.42 -23.42 -16.43
N ILE B 12 -19.83 -22.44 -15.61
CA ILE B 12 -18.97 -21.30 -15.34
C ILE B 12 -17.66 -21.73 -14.69
N SER B 13 -17.68 -22.83 -13.95
CA SER B 13 -16.44 -23.28 -13.32
C SER B 13 -15.43 -23.83 -14.34
N SER B 14 -15.85 -24.24 -15.53
CA SER B 14 -14.85 -24.63 -16.50
C SER B 14 -14.13 -23.42 -17.11
N LEU B 15 -14.74 -22.22 -17.05
CA LEU B 15 -14.03 -21.02 -17.49
C LEU B 15 -12.81 -20.75 -16.62
N ILE B 16 -12.99 -20.74 -15.29
CA ILE B 16 -11.90 -20.41 -14.38
C ILE B 16 -10.89 -21.55 -14.29
N ASP B 17 -11.34 -22.80 -14.40
CA ASP B 17 -10.39 -23.90 -14.46
C ASP B 17 -9.46 -23.77 -15.66
N HIS B 18 -10.05 -23.44 -16.81
CA HIS B 18 -9.26 -23.28 -18.04
C HIS B 18 -8.24 -22.16 -17.89
N ALA B 19 -8.66 -21.02 -17.33
CA ALA B 19 -7.71 -19.93 -17.07
C ALA B 19 -6.61 -20.38 -16.11
N ALA B 20 -6.95 -21.19 -15.11
CA ALA B 20 -5.91 -21.62 -14.16
C ALA B 20 -4.95 -22.62 -14.79
N ARG B 21 -5.44 -23.49 -15.68
CA ARG B 21 -4.57 -24.46 -16.34
C ARG B 21 -3.60 -23.76 -17.28
N TYR B 22 -4.10 -22.88 -18.13
CA TYR B 22 -3.35 -22.41 -19.27
C TYR B 22 -3.02 -20.93 -19.24
N HIS B 23 -3.46 -20.22 -18.21
CA HIS B 23 -3.13 -18.81 -18.08
C HIS B 23 -2.84 -18.50 -16.61
N GLY B 24 -2.34 -19.50 -15.88
CA GLY B 24 -2.25 -19.42 -14.43
C GLY B 24 -1.36 -18.31 -13.93
N GLN B 25 -0.34 -17.93 -14.71
CA GLN B 25 0.53 -16.83 -14.34
C GLN B 25 0.16 -15.52 -15.03
N THR B 26 -0.89 -15.51 -15.85
CA THR B 26 -1.30 -14.28 -16.49
C THR B 26 -1.83 -13.30 -15.45
N GLU B 27 -1.40 -12.06 -15.54
CA GLU B 27 -1.45 -11.11 -14.44
C GLU B 27 -2.81 -10.39 -14.32
N ILE B 28 -3.27 -10.22 -13.09
CA ILE B 28 -4.48 -9.47 -12.79
C ILE B 28 -4.15 -8.43 -11.71
N VAL B 29 -4.39 -7.16 -12.01
CA VAL B 29 -4.14 -6.06 -11.08
C VAL B 29 -5.46 -5.67 -10.42
N SER B 30 -5.43 -5.49 -9.09
CA SER B 30 -6.64 -5.26 -8.30
C SER B 30 -6.44 -4.07 -7.39
N VAL B 31 -7.15 -2.98 -7.68
CA VAL B 31 -7.12 -1.82 -6.78
C VAL B 31 -8.05 -2.09 -5.60
N GLU B 32 -7.49 -2.11 -4.40
CA GLU B 32 -8.21 -2.52 -3.20
C GLU B 32 -8.89 -1.32 -2.54
N THR B 33 -9.79 -1.62 -1.62
CA THR B 33 -10.55 -0.58 -0.94
C THR B 33 -9.64 0.28 -0.07
N ASP B 34 -8.77 -0.34 0.72
CA ASP B 34 -7.92 0.40 1.65
C ASP B 34 -7.05 1.45 0.97
N GLY B 35 -6.75 1.28 -0.31
CA GLY B 35 -5.78 2.11 -0.99
C GLY B 35 -4.53 1.36 -1.43
N THR B 36 -4.55 0.05 -1.36
CA THR B 36 -3.44 -0.81 -1.73
C THR B 36 -3.71 -1.39 -3.12
N VAL B 37 -2.69 -2.00 -3.72
CA VAL B 37 -2.79 -2.58 -5.07
C VAL B 37 -2.24 -4.00 -5.02
N THR B 38 -3.09 -4.97 -5.30
CA THR B 38 -2.69 -6.38 -5.28
C THR B 38 -2.36 -6.81 -6.70
N ARG B 39 -1.23 -7.52 -6.85
CA ARG B 39 -0.86 -8.13 -8.12
C ARG B 39 -1.05 -9.63 -7.97
N THR B 40 -2.03 -10.17 -8.68
CA THR B 40 -2.37 -11.57 -8.57
C THR B 40 -2.48 -12.11 -9.98
N ASN B 41 -3.01 -13.31 -10.17
CA ASN B 41 -3.08 -13.92 -11.50
C ASN B 41 -4.23 -14.91 -11.53
N TRP B 42 -4.55 -15.41 -12.73
CA TRP B 42 -5.69 -16.31 -12.85
C TRP B 42 -5.52 -17.55 -12.00
N GLY B 43 -4.30 -18.09 -11.92
CA GLY B 43 -4.06 -19.23 -11.05
C GLY B 43 -4.43 -18.95 -9.61
N GLU B 44 -4.19 -17.72 -9.15
CA GLU B 44 -4.47 -17.33 -7.78
C GLU B 44 -5.96 -17.01 -7.57
N ILE B 45 -6.57 -16.30 -8.53
CA ILE B 45 -8.02 -16.11 -8.47
C ILE B 45 -8.73 -17.46 -8.45
N ALA B 46 -8.25 -18.42 -9.25
CA ALA B 46 -8.90 -19.72 -9.29
C ALA B 46 -8.71 -20.50 -7.98
N ALA B 47 -7.51 -20.49 -7.42
CA ALA B 47 -7.29 -21.24 -6.19
C ALA B 47 -8.12 -20.66 -5.04
N ASN B 48 -8.24 -19.34 -4.98
CA ASN B 48 -9.09 -18.69 -3.98
C ASN B 48 -10.57 -18.94 -4.26
N ALA B 49 -10.98 -18.88 -5.54
CA ALA B 49 -12.36 -19.20 -5.90
C ALA B 49 -12.71 -20.63 -5.50
N ARG B 50 -11.85 -21.59 -5.84
CA ARG B 50 -12.11 -22.98 -5.44
C ARG B 50 -12.26 -23.08 -3.92
N ARG B 51 -11.43 -22.35 -3.18
CA ARG B 51 -11.43 -22.49 -1.73
C ARG B 51 -12.60 -21.74 -1.11
N MET B 52 -12.94 -20.58 -1.66
CA MET B 52 -14.15 -19.90 -1.19
C MET B 52 -15.39 -20.73 -1.52
N GLY B 53 -15.40 -21.38 -2.69
CA GLY B 53 -16.52 -22.24 -3.02
C GLY B 53 -16.67 -23.38 -2.02
N SER B 54 -15.55 -23.90 -1.52
CA SER B 54 -15.60 -24.87 -0.43
C SER B 54 -16.22 -24.26 0.82
N ALA B 55 -15.74 -23.07 1.21
CA ALA B 55 -16.18 -22.45 2.46
C ALA B 55 -17.66 -22.13 2.43
N LEU B 56 -18.16 -21.64 1.29
CA LEU B 56 -19.59 -21.41 1.15
C LEU B 56 -20.36 -22.73 1.20
N THR B 57 -19.81 -23.80 0.65
CA THR B 57 -20.48 -25.09 0.73
C THR B 57 -20.58 -25.57 2.19
N LYS B 58 -19.64 -25.15 3.04
CA LYS B 58 -19.63 -25.58 4.42
C LYS B 58 -20.51 -24.72 5.32
N LEU B 59 -21.00 -23.57 4.86
CA LEU B 59 -21.97 -22.81 5.64
C LEU B 59 -23.30 -23.53 5.78
N GLY B 60 -23.53 -24.58 4.99
CA GLY B 60 -24.80 -25.26 4.99
C GLY B 60 -25.74 -24.82 3.91
N LEU B 61 -25.39 -23.80 3.12
CA LEU B 61 -26.28 -23.30 2.08
C LEU B 61 -26.80 -24.43 1.20
N GLN B 62 -28.03 -24.27 0.72
CA GLN B 62 -28.64 -25.23 -0.18
C GLN B 62 -28.35 -24.85 -1.64
N PRO B 63 -28.46 -25.80 -2.56
CA PRO B 63 -28.21 -25.52 -3.97
C PRO B 63 -28.96 -24.28 -4.47
N GLN B 64 -28.24 -23.41 -5.17
CA GLN B 64 -28.78 -22.23 -5.83
C GLN B 64 -29.36 -21.20 -4.86
N ASP B 65 -28.97 -21.25 -3.57
CA ASP B 65 -29.19 -20.11 -2.69
C ASP B 65 -28.46 -18.89 -3.26
N ARG B 66 -28.97 -17.71 -2.94
CA ARG B 66 -28.39 -16.49 -3.50
C ARG B 66 -27.26 -15.99 -2.63
N ILE B 67 -26.14 -15.65 -3.27
CA ILE B 67 -24.95 -15.06 -2.68
C ILE B 67 -24.89 -13.62 -3.16
N GLY B 68 -25.11 -12.66 -2.28
CA GLY B 68 -25.18 -11.27 -2.69
C GLY B 68 -23.86 -10.57 -2.54
N THR B 69 -23.62 -9.57 -3.40
CA THR B 69 -22.42 -8.77 -3.31
C THR B 69 -22.78 -7.30 -3.36
N LEU B 70 -21.98 -6.49 -2.66
CA LEU B 70 -22.05 -5.03 -2.67
C LEU B 70 -20.58 -4.61 -2.76
N ALA B 71 -20.06 -4.51 -3.99
CA ALA B 71 -18.61 -4.58 -4.15
C ALA B 71 -18.15 -3.87 -5.40
N TRP B 72 -16.90 -3.40 -5.35
CA TRP B 72 -16.22 -2.81 -6.50
C TRP B 72 -15.60 -3.91 -7.37
N ASN B 73 -15.03 -3.51 -8.50
CA ASN B 73 -14.27 -4.44 -9.35
C ASN B 73 -12.91 -4.68 -8.69
N ASN B 74 -12.73 -5.85 -8.11
CA ASN B 74 -11.49 -6.17 -7.40
C ASN B 74 -11.36 -7.68 -7.37
N ARG B 75 -10.21 -8.14 -6.88
CA ARG B 75 -9.92 -9.56 -6.94
C ARG B 75 -10.92 -10.38 -6.13
N ARG B 76 -11.36 -9.86 -4.98
CA ARG B 76 -12.30 -10.64 -4.18
C ARG B 76 -13.65 -10.76 -4.87
N HIS B 77 -14.10 -9.70 -5.52
CA HIS B 77 -15.34 -9.79 -6.28
C HIS B 77 -15.22 -10.83 -7.38
N LEU B 78 -14.11 -10.78 -8.14
CA LEU B 78 -13.88 -11.78 -9.18
C LEU B 78 -13.91 -13.19 -8.60
N GLU B 79 -13.26 -13.37 -7.44
CA GLU B 79 -13.25 -14.69 -6.81
C GLU B 79 -14.67 -15.15 -6.43
N ILE B 80 -15.50 -14.22 -5.98
CA ILE B 80 -16.86 -14.60 -5.55
C ILE B 80 -17.69 -15.05 -6.75
N TYR B 81 -17.61 -14.27 -7.84
CA TYR B 81 -18.17 -14.67 -9.14
C TYR B 81 -18.04 -16.16 -9.40
N TYR B 82 -16.81 -16.68 -9.30
CA TYR B 82 -16.52 -18.08 -9.60
C TYR B 82 -16.77 -18.99 -8.41
N ALA B 83 -16.42 -18.56 -7.19
CA ALA B 83 -16.72 -19.36 -6.01
C ALA B 83 -18.21 -19.65 -5.91
N ALA B 84 -19.04 -18.62 -6.07
CA ALA B 84 -20.47 -18.81 -5.86
C ALA B 84 -21.09 -19.63 -6.98
N SER B 85 -20.97 -19.17 -8.22
CA SER B 85 -21.56 -19.93 -9.34
C SER B 85 -20.93 -21.30 -9.46
N GLY B 86 -19.62 -21.40 -9.28
CA GLY B 86 -18.95 -22.68 -9.43
C GLY B 86 -19.44 -23.73 -8.45
N ALA B 87 -19.77 -23.31 -7.22
CA ALA B 87 -20.26 -24.22 -6.18
C ALA B 87 -21.75 -24.48 -6.29
N GLY B 88 -22.44 -23.96 -7.30
CA GLY B 88 -23.85 -24.22 -7.47
C GLY B 88 -24.77 -23.24 -6.77
N PHE B 89 -24.25 -22.11 -6.32
CA PHE B 89 -25.03 -21.02 -5.77
C PHE B 89 -25.27 -19.98 -6.84
N VAL B 90 -26.18 -19.06 -6.55
CA VAL B 90 -26.54 -18.01 -7.49
C VAL B 90 -25.79 -16.75 -7.08
N CYS B 91 -24.82 -16.34 -7.91
CA CYS B 91 -24.07 -15.11 -7.65
C CYS B 91 -24.96 -13.91 -7.96
N HIS B 92 -25.30 -13.14 -6.93
CA HIS B 92 -26.27 -12.06 -7.03
C HIS B 92 -25.57 -10.73 -6.77
N THR B 93 -25.16 -10.07 -7.83
CA THR B 93 -24.48 -8.79 -7.69
C THR B 93 -25.53 -7.72 -7.50
N ILE B 94 -25.36 -6.92 -6.46
CA ILE B 94 -26.30 -5.88 -6.09
C ILE B 94 -25.63 -4.52 -6.28
N ASN B 95 -26.36 -3.56 -6.85
CA ASN B 95 -25.81 -2.23 -7.06
C ASN B 95 -25.81 -1.40 -5.77
N PRO B 96 -24.63 -1.08 -5.22
CA PRO B 96 -24.57 -0.38 -3.93
C PRO B 96 -24.92 1.10 -4.02
N ARG B 97 -25.25 1.62 -5.19
CA ARG B 97 -25.61 3.02 -5.34
C ARG B 97 -27.10 3.26 -5.28
N LEU B 98 -27.90 2.19 -5.20
CA LEU B 98 -29.33 2.38 -5.02
C LEU B 98 -29.59 2.93 -3.62
N PHE B 99 -30.75 3.55 -3.48
CA PHE B 99 -31.18 3.99 -2.15
C PHE B 99 -31.21 2.80 -1.20
N PRO B 100 -30.85 3.01 0.07
CA PRO B 100 -30.93 1.91 1.04
C PRO B 100 -32.27 1.19 1.05
N GLU B 101 -33.37 1.90 0.78
CA GLU B 101 -34.68 1.25 0.82
C GLU B 101 -34.87 0.30 -0.36
N GLN B 102 -34.36 0.68 -1.55
CA GLN B 102 -34.34 -0.23 -2.70
C GLN B 102 -33.52 -1.48 -2.40
N LEU B 103 -32.35 -1.31 -1.77
CA LEU B 103 -31.51 -2.44 -1.42
C LEU B 103 -32.24 -3.42 -0.49
N VAL B 104 -33.01 -2.89 0.47
CA VAL B 104 -33.80 -3.76 1.35
C VAL B 104 -34.78 -4.57 0.53
N TYR B 105 -35.52 -3.91 -0.37
CA TYR B 105 -36.45 -4.62 -1.24
C TYR B 105 -35.73 -5.73 -2.01
N ILE B 106 -34.62 -5.38 -2.67
CA ILE B 106 -33.96 -6.36 -3.56
C ILE B 106 -33.42 -7.54 -2.77
N ILE B 107 -32.75 -7.27 -1.65
CA ILE B 107 -32.09 -8.33 -0.91
C ILE B 107 -33.10 -9.27 -0.30
N ASN B 108 -34.27 -8.76 0.12
CA ASN B 108 -35.32 -9.63 0.63
C ASN B 108 -36.03 -10.37 -0.48
N HIS B 109 -36.31 -9.69 -1.60
CA HIS B 109 -36.95 -10.39 -2.71
C HIS B 109 -36.06 -11.51 -3.25
N ALA B 110 -34.75 -11.30 -3.29
CA ALA B 110 -33.87 -12.36 -3.78
C ALA B 110 -33.53 -13.37 -2.70
N GLN B 111 -33.79 -13.04 -1.44
CA GLN B 111 -33.49 -13.91 -0.32
C GLN B 111 -32.00 -14.30 -0.26
N ASP B 112 -31.12 -13.30 -0.39
CA ASP B 112 -29.70 -13.58 -0.24
C ASP B 112 -29.45 -14.15 1.14
N ARG B 113 -28.73 -15.27 1.20
CA ARG B 113 -28.33 -15.89 2.46
C ARG B 113 -26.97 -15.40 2.95
N VAL B 114 -26.12 -14.99 2.02
CA VAL B 114 -24.81 -14.44 2.32
C VAL B 114 -24.75 -13.07 1.65
N LEU B 115 -24.10 -12.11 2.31
CA LEU B 115 -23.93 -10.78 1.74
C LEU B 115 -22.48 -10.38 1.90
N PHE B 116 -21.72 -10.51 0.82
CA PHE B 116 -20.38 -9.97 0.73
C PHE B 116 -20.46 -8.48 0.42
N PHE B 117 -19.57 -7.69 1.01
CA PHE B 117 -19.59 -6.25 0.73
C PHE B 117 -18.23 -5.64 1.01
N ASP B 118 -17.90 -4.61 0.23
CA ASP B 118 -16.64 -3.90 0.41
C ASP B 118 -16.76 -2.91 1.58
N ALA B 119 -15.60 -2.54 2.13
CA ALA B 119 -15.56 -1.67 3.30
C ALA B 119 -16.23 -0.32 3.02
N THR B 120 -16.29 0.11 1.76
CA THR B 120 -16.97 1.36 1.45
C THR B 120 -18.41 1.39 1.98
N PHE B 121 -19.06 0.22 2.02
CA PHE B 121 -20.48 0.15 2.34
C PHE B 121 -20.74 -0.39 3.73
N LEU B 122 -19.71 -0.45 4.57
CA LEU B 122 -19.90 -0.80 5.97
C LEU B 122 -20.99 0.04 6.62
N PRO B 123 -20.98 1.37 6.54
CA PRO B 123 -22.08 2.14 7.13
C PRO B 123 -23.44 1.72 6.60
N LEU B 124 -23.59 1.60 5.28
CA LEU B 124 -24.90 1.38 4.69
C LEU B 124 -25.47 0.02 5.07
N VAL B 125 -24.63 -1.03 5.07
CA VAL B 125 -25.08 -2.33 5.50
C VAL B 125 -25.43 -2.31 6.99
N ALA B 126 -24.70 -1.54 7.80
CA ALA B 126 -25.02 -1.51 9.22
C ALA B 126 -26.35 -0.84 9.46
N ALA B 127 -26.69 0.15 8.64
CA ALA B 127 -27.96 0.85 8.80
C ALA B 127 -29.15 -0.01 8.42
N ILE B 128 -29.06 -0.79 7.32
CA ILE B 128 -30.19 -1.57 6.87
C ILE B 128 -30.14 -3.02 7.35
N ARG B 129 -29.14 -3.36 8.14
CA ARG B 129 -28.93 -4.75 8.57
C ARG B 129 -30.19 -5.35 9.20
N ASP B 130 -30.87 -4.59 10.09
CA ASP B 130 -31.98 -5.16 10.84
C ASP B 130 -33.20 -5.46 9.96
N GLN B 131 -33.22 -5.00 8.71
CA GLN B 131 -34.26 -5.37 7.77
C GLN B 131 -33.83 -6.48 6.82
N LEU B 132 -32.62 -7.04 6.98
CA LEU B 132 -32.16 -8.15 6.14
C LEU B 132 -32.15 -9.45 6.94
N THR B 133 -33.34 -9.89 7.33
CA THR B 133 -33.48 -10.99 8.27
C THR B 133 -33.22 -12.35 7.66
N GLU B 134 -33.23 -12.47 6.33
CA GLU B 134 -32.90 -13.76 5.74
C GLU B 134 -31.43 -13.91 5.41
N VAL B 135 -30.63 -12.85 5.51
CA VAL B 135 -29.18 -12.96 5.36
C VAL B 135 -28.60 -13.59 6.62
N LYS B 136 -27.95 -14.74 6.49
CA LYS B 136 -27.30 -15.41 7.62
C LYS B 136 -25.83 -15.07 7.78
N HIS B 137 -25.15 -14.59 6.75
CA HIS B 137 -23.73 -14.26 6.85
C HIS B 137 -23.48 -12.92 6.20
N PHE B 138 -23.00 -11.97 7.00
CA PHE B 138 -22.52 -10.69 6.51
C PHE B 138 -21.00 -10.78 6.48
N VAL B 139 -20.41 -10.69 5.29
CA VAL B 139 -18.99 -10.98 5.11
C VAL B 139 -18.32 -9.72 4.55
N LEU B 140 -17.56 -9.04 5.39
CA LEU B 140 -16.70 -7.97 4.91
C LEU B 140 -15.61 -8.55 4.01
N MET B 141 -15.36 -7.89 2.88
CA MET B 141 -14.40 -8.39 1.89
C MET B 141 -13.03 -7.79 2.22
N GLY B 142 -12.39 -8.41 3.19
CA GLY B 142 -11.19 -7.90 3.82
C GLY B 142 -10.91 -8.74 5.06
N PRO B 143 -9.88 -8.39 5.83
CA PRO B 143 -9.59 -9.13 7.05
C PRO B 143 -10.38 -8.58 8.25
N ARG B 144 -10.25 -9.30 9.37
CA ARG B 144 -10.91 -8.90 10.59
C ARG B 144 -10.54 -7.47 10.98
N ASN B 145 -11.57 -6.67 11.24
CA ASN B 145 -11.42 -5.25 11.59
C ASN B 145 -12.37 -4.95 12.73
N GLU B 146 -11.84 -4.76 13.95
CA GLU B 146 -12.71 -4.71 15.13
C GLU B 146 -13.66 -3.52 15.09
N ASP B 147 -13.23 -2.40 14.49
CA ASP B 147 -14.17 -1.29 14.24
C ASP B 147 -15.37 -1.76 13.43
N ALA B 148 -15.12 -2.56 12.39
CA ALA B 148 -16.22 -3.13 11.61
C ALA B 148 -17.07 -4.04 12.47
N LEU B 149 -16.43 -4.89 13.29
CA LEU B 149 -17.16 -5.75 14.21
C LEU B 149 -18.06 -4.93 15.12
N GLN B 150 -17.67 -3.69 15.37
CA GLN B 150 -18.46 -2.78 16.19
C GLN B 150 -19.77 -2.41 15.52
N GLN B 151 -19.69 -1.92 14.27
CA GLN B 151 -20.92 -1.51 13.59
C GLN B 151 -21.83 -2.69 13.27
N ILE B 152 -21.27 -3.89 13.12
CA ILE B 152 -22.06 -5.06 12.74
C ILE B 152 -21.68 -6.27 13.58
N PRO B 153 -22.38 -6.51 14.69
CA PRO B 153 -22.16 -7.73 15.47
C PRO B 153 -22.40 -8.95 14.61
N GLY B 154 -21.61 -10.00 14.88
CA GLY B 154 -21.69 -11.20 14.08
C GLY B 154 -21.08 -11.09 12.71
N LEU B 155 -20.48 -9.94 12.36
CA LEU B 155 -19.83 -9.77 11.06
C LEU B 155 -18.71 -10.78 10.89
N GLU B 156 -18.71 -11.47 9.75
CA GLU B 156 -17.61 -12.34 9.35
C GLU B 156 -16.73 -11.65 8.32
N PHE B 157 -15.55 -12.22 8.08
CA PHE B 157 -14.52 -11.56 7.28
C PHE B 157 -13.99 -12.49 6.20
N TYR B 158 -13.93 -11.98 4.97
CA TYR B 158 -13.57 -12.80 3.81
C TYR B 158 -12.30 -13.60 4.07
N ASP B 159 -11.24 -12.91 4.52
CA ASP B 159 -9.94 -13.54 4.66
C ASP B 159 -9.91 -14.57 5.78
N GLU B 160 -10.90 -14.56 6.67
CA GLU B 160 -11.08 -15.65 7.62
C GLU B 160 -11.94 -16.78 7.06
N LEU B 161 -13.01 -16.44 6.35
CA LEU B 161 -13.93 -17.47 5.88
C LEU B 161 -13.26 -18.37 4.84
N ILE B 162 -12.39 -17.80 3.99
CA ILE B 162 -11.79 -18.59 2.92
C ILE B 162 -10.88 -19.69 3.47
N GLU B 163 -10.29 -19.48 4.66
CA GLU B 163 -9.37 -20.48 5.19
C GLU B 163 -10.12 -21.69 5.73
N THR B 164 -11.45 -21.62 5.86
CA THR B 164 -12.22 -22.79 6.23
C THR B 164 -12.42 -23.75 5.07
N GLY B 165 -12.18 -23.32 3.84
CA GLY B 165 -12.43 -24.17 2.69
C GLY B 165 -11.27 -25.13 2.45
N ASP B 166 -11.62 -26.36 2.03
CA ASP B 166 -10.61 -27.31 1.61
C ASP B 166 -9.80 -26.73 0.46
N THR B 167 -8.48 -26.98 0.46
CA THR B 167 -7.64 -26.59 -0.66
C THR B 167 -7.76 -27.51 -1.85
N ASP B 168 -8.42 -28.66 -1.71
CA ASP B 168 -8.57 -29.64 -2.79
C ASP B 168 -10.04 -29.82 -3.18
N PHE B 169 -10.83 -28.76 -3.06
CA PHE B 169 -12.24 -28.81 -3.45
C PHE B 169 -12.39 -29.09 -4.93
N GLU B 170 -13.21 -30.07 -5.28
CA GLU B 170 -13.59 -30.32 -6.66
C GLU B 170 -14.94 -29.65 -6.91
N TRP B 171 -15.03 -28.87 -7.99
CA TRP B 171 -16.30 -28.23 -8.31
C TRP B 171 -17.37 -29.30 -8.52
N PRO B 172 -18.60 -29.04 -8.09
CA PRO B 172 -19.70 -29.96 -8.42
C PRO B 172 -20.08 -29.84 -9.89
N VAL B 173 -20.70 -30.92 -10.38
CA VAL B 173 -21.08 -31.06 -11.79
C VAL B 173 -22.60 -31.17 -11.86
N PHE B 174 -23.24 -30.18 -12.50
CA PHE B 174 -24.69 -30.10 -12.50
C PHE B 174 -25.18 -29.64 -13.86
N ASP B 175 -26.50 -29.57 -13.99
CA ASP B 175 -27.12 -29.25 -15.27
C ASP B 175 -26.67 -27.87 -15.74
N GLU B 176 -26.22 -27.77 -16.99
CA GLU B 176 -25.78 -26.47 -17.49
C GLU B 176 -26.90 -25.43 -17.46
N ASN B 177 -28.17 -25.86 -17.42
CA ASN B 177 -29.26 -24.91 -17.31
C ASN B 177 -29.57 -24.53 -15.86
N THR B 178 -28.73 -24.94 -14.91
CA THR B 178 -28.84 -24.46 -13.54
C THR B 178 -28.65 -22.96 -13.47
N ALA B 179 -29.48 -22.29 -12.65
CA ALA B 179 -29.30 -20.86 -12.38
C ALA B 179 -27.89 -20.56 -11.86
N SER B 180 -27.28 -19.50 -12.39
CA SER B 180 -25.92 -19.16 -11.98
C SER B 180 -25.79 -17.83 -11.28
N SER B 181 -26.64 -16.88 -11.60
CA SER B 181 -26.40 -15.51 -11.20
C SER B 181 -27.68 -14.73 -11.43
N LEU B 182 -27.76 -13.58 -10.77
CA LEU B 182 -29.00 -12.83 -10.72
C LEU B 182 -28.65 -11.34 -10.72
N CYS B 183 -29.32 -10.56 -11.58
CA CYS B 183 -29.17 -9.11 -11.57
C CYS B 183 -30.55 -8.48 -11.65
N TYR B 184 -30.77 -7.46 -10.84
CA TYR B 184 -32.03 -6.75 -10.82
C TYR B 184 -31.94 -5.55 -11.73
N THR B 185 -32.99 -5.30 -12.46
CA THR B 185 -33.07 -4.21 -13.37
C THR B 185 -34.39 -3.52 -13.21
N SER B 186 -34.38 -2.21 -13.44
CA SER B 186 -35.60 -1.40 -13.35
C SER B 186 -36.14 -0.99 -14.70
N GLY B 190 -42.34 -0.25 -12.10
CA GLY B 190 -42.49 -0.47 -10.67
C GLY B 190 -41.23 -0.94 -9.97
N HIS B 191 -41.32 -2.01 -9.19
CA HIS B 191 -40.16 -2.47 -8.47
C HIS B 191 -39.12 -3.07 -9.41
N PRO B 192 -37.86 -3.08 -9.01
CA PRO B 192 -36.84 -3.75 -9.83
C PRO B 192 -37.15 -5.23 -9.96
N LYS B 193 -36.78 -5.80 -11.10
CA LYS B 193 -37.05 -7.21 -11.38
C LYS B 193 -35.76 -7.96 -11.62
N GLY B 194 -35.77 -9.23 -11.22
CA GLY B 194 -34.59 -10.06 -11.28
C GLY B 194 -34.45 -10.81 -12.60
N VAL B 195 -33.23 -10.83 -13.12
CA VAL B 195 -32.89 -11.62 -14.31
C VAL B 195 -32.02 -12.77 -13.82
N LEU B 196 -32.55 -13.99 -13.96
CA LEU B 196 -31.89 -15.20 -13.47
C LEU B 196 -31.17 -15.91 -14.62
N TYR B 197 -29.86 -15.64 -14.74
CA TYR B 197 -29.01 -16.27 -15.74
C TYR B 197 -28.74 -17.75 -15.41
N SER B 198 -28.33 -18.50 -16.44
CA SER B 198 -27.89 -19.88 -16.29
C SER B 198 -26.42 -20.03 -16.68
N HIS B 199 -25.82 -21.13 -16.28
CA HIS B 199 -24.45 -21.42 -16.71
C HIS B 199 -24.35 -21.51 -18.24
N ARG B 200 -25.33 -22.14 -18.87
CA ARG B 200 -25.31 -22.26 -20.33
C ARG B 200 -25.43 -20.89 -21.00
N SER B 201 -26.39 -20.07 -20.58
CA SER B 201 -26.51 -18.75 -21.18
C SER B 201 -25.25 -17.93 -20.98
N THR B 202 -24.66 -18.02 -19.78
CA THR B 202 -23.44 -17.29 -19.47
C THR B 202 -22.30 -17.69 -20.39
N VAL B 203 -22.08 -19.00 -20.55
CA VAL B 203 -20.94 -19.48 -21.34
C VAL B 203 -21.16 -19.18 -22.81
N LEU B 204 -22.41 -19.27 -23.29
CA LEU B 204 -22.69 -18.98 -24.69
C LEU B 204 -22.48 -17.49 -24.98
N HIS B 205 -22.95 -16.64 -24.08
CA HIS B 205 -22.68 -15.20 -24.20
C HIS B 205 -21.20 -14.90 -24.16
N SER B 206 -20.44 -15.59 -23.31
CA SER B 206 -18.99 -15.42 -23.34
C SER B 206 -18.41 -15.83 -24.68
N PHE B 207 -18.86 -16.95 -25.25
CA PHE B 207 -18.38 -17.34 -26.57
C PHE B 207 -18.63 -16.23 -27.60
N ALA B 208 -19.86 -15.69 -27.62
CA ALA B 208 -20.18 -14.63 -28.58
C ALA B 208 -19.36 -13.36 -28.33
N SER B 209 -19.20 -12.97 -27.07
CA SER B 209 -18.44 -11.75 -26.80
C SER B 209 -16.97 -11.90 -27.20
N ASN B 210 -16.44 -13.12 -27.19
CA ASN B 210 -15.06 -13.35 -27.58
C ASN B 210 -14.82 -13.42 -29.07
N THR B 211 -15.84 -13.22 -29.92
CA THR B 211 -15.58 -13.15 -31.35
C THR B 211 -14.99 -11.78 -31.71
N ARG B 212 -14.25 -11.76 -32.84
CA ARG B 212 -13.54 -10.56 -33.28
C ARG B 212 -14.47 -9.38 -33.48
N ASP B 213 -15.64 -9.61 -34.06
CA ASP B 213 -16.53 -8.51 -34.40
C ASP B 213 -17.44 -8.11 -33.23
N VAL B 214 -17.24 -8.68 -32.05
CA VAL B 214 -18.00 -8.22 -30.88
C VAL B 214 -16.99 -7.51 -29.99
N ILE B 215 -16.28 -8.28 -29.16
CA ILE B 215 -15.19 -7.70 -28.37
C ILE B 215 -13.93 -8.49 -28.65
N GLY B 216 -13.97 -9.80 -28.35
CA GLY B 216 -12.84 -10.66 -28.59
C GLY B 216 -11.69 -10.34 -27.66
N TYR B 217 -11.73 -10.84 -26.44
CA TYR B 217 -10.63 -10.62 -25.51
C TYR B 217 -9.47 -11.52 -25.92
N SER B 218 -8.26 -10.95 -25.95
CA SER B 218 -7.08 -11.71 -26.30
C SER B 218 -6.21 -11.92 -25.06
N ALA B 219 -5.42 -13.01 -25.09
CA ALA B 219 -4.41 -13.24 -24.05
C ALA B 219 -3.42 -12.08 -23.98
N MET B 220 -3.29 -11.32 -25.05
CA MET B 220 -2.39 -10.18 -25.10
C MET B 220 -3.03 -8.88 -24.64
N ASP B 221 -4.35 -8.84 -24.45
CA ASP B 221 -5.00 -7.64 -23.95
C ASP B 221 -4.72 -7.42 -22.47
N VAL B 222 -4.65 -6.16 -22.08
CA VAL B 222 -4.84 -5.76 -20.69
C VAL B 222 -6.21 -5.10 -20.61
N VAL B 223 -7.17 -5.80 -19.99
CA VAL B 223 -8.59 -5.43 -20.03
C VAL B 223 -8.97 -4.69 -18.74
N MET B 224 -9.51 -3.49 -18.87
CA MET B 224 -9.96 -2.73 -17.70
C MET B 224 -11.46 -2.46 -17.78
N PRO B 225 -12.28 -3.28 -17.12
CA PRO B 225 -13.72 -2.98 -17.04
C PRO B 225 -13.98 -1.89 -16.00
N VAL B 226 -14.32 -0.70 -16.48
CA VAL B 226 -14.84 0.31 -15.56
C VAL B 226 -16.31 0.06 -15.29
N VAL B 227 -17.06 -0.40 -16.28
CA VAL B 227 -18.38 -1.01 -16.10
C VAL B 227 -18.35 -1.83 -14.81
N PRO B 228 -19.24 -1.59 -13.87
CA PRO B 228 -19.16 -2.31 -12.60
C PRO B 228 -19.54 -3.78 -12.75
N MET B 229 -18.89 -4.60 -11.94
CA MET B 229 -19.34 -5.98 -11.87
C MET B 229 -20.73 -6.12 -11.22
N PHE B 230 -21.41 -5.03 -10.81
CA PHE B 230 -22.81 -5.11 -10.42
C PHE B 230 -23.76 -4.62 -11.50
N HIS B 231 -23.25 -4.21 -12.65
CA HIS B 231 -24.05 -3.80 -13.81
C HIS B 231 -23.88 -4.88 -14.89
N VAL B 232 -24.84 -5.80 -14.95
CA VAL B 232 -24.85 -6.95 -15.87
C VAL B 232 -23.50 -7.64 -15.90
N ASN B 233 -22.98 -7.96 -14.74
CA ASN B 233 -21.72 -8.63 -14.58
C ASN B 233 -20.63 -8.03 -15.44
N ALA B 234 -20.45 -6.74 -15.26
CA ALA B 234 -19.42 -5.98 -15.97
C ALA B 234 -19.41 -6.38 -17.44
N TRP B 235 -20.62 -6.52 -17.98
CA TRP B 235 -20.89 -6.80 -19.40
C TRP B 235 -20.33 -8.16 -19.83
N GLY B 236 -20.23 -9.11 -18.90
CA GLY B 236 -19.69 -10.42 -19.22
C GLY B 236 -18.19 -10.53 -19.09
N SER B 237 -17.46 -9.42 -19.04
CA SER B 237 -16.00 -9.47 -19.16
C SER B 237 -15.29 -10.38 -18.14
N PRO B 238 -15.81 -10.63 -16.93
CA PRO B 238 -15.09 -11.58 -16.06
C PRO B 238 -15.10 -13.00 -16.58
N TYR B 239 -16.04 -13.31 -17.48
CA TYR B 239 -16.16 -14.61 -18.10
C TYR B 239 -15.38 -14.68 -19.41
N GLY B 240 -15.54 -13.67 -20.28
CA GLY B 240 -14.82 -13.67 -21.55
C GLY B 240 -13.31 -13.60 -21.34
N CYS B 241 -12.87 -12.75 -20.41
CA CYS B 241 -11.46 -12.65 -20.07
C CYS B 241 -10.92 -13.96 -19.50
N ALA B 242 -11.72 -14.66 -18.68
CA ALA B 242 -11.26 -15.96 -18.19
C ALA B 242 -11.20 -16.97 -19.32
N MET B 243 -12.13 -16.88 -20.27
CA MET B 243 -12.14 -17.82 -21.38
C MET B 243 -10.89 -17.64 -22.26
N SER B 244 -10.42 -16.40 -22.41
CA SER B 244 -9.26 -16.10 -23.22
C SER B 244 -7.96 -15.96 -22.44
N GLY B 245 -8.03 -15.93 -21.11
CA GLY B 245 -6.83 -15.66 -20.36
C GLY B 245 -6.29 -14.25 -20.57
N ALA B 246 -7.16 -13.28 -20.79
CA ALA B 246 -6.69 -11.91 -20.90
C ALA B 246 -6.17 -11.42 -19.55
N GLN B 247 -5.21 -10.51 -19.59
CA GLN B 247 -4.85 -9.76 -18.39
C GLN B 247 -5.98 -8.78 -18.04
N MET B 248 -6.11 -8.46 -16.75
CA MET B 248 -7.14 -7.53 -16.30
C MET B 248 -6.61 -6.49 -15.33
N VAL B 249 -7.18 -5.30 -15.40
CA VAL B 249 -6.99 -4.27 -14.38
C VAL B 249 -8.35 -4.00 -13.74
N LEU B 250 -8.48 -4.34 -12.46
CA LEU B 250 -9.74 -4.14 -11.76
C LEU B 250 -9.68 -2.81 -11.02
N PRO B 251 -10.43 -1.79 -11.45
CA PRO B 251 -10.15 -0.42 -11.00
C PRO B 251 -10.54 -0.07 -9.56
N GLY B 252 -11.33 -0.87 -8.84
CA GLY B 252 -11.66 -0.55 -7.47
C GLY B 252 -12.62 0.64 -7.31
N PRO B 253 -12.50 1.38 -6.21
CA PRO B 253 -13.49 2.44 -5.93
C PRO B 253 -13.27 3.76 -6.69
N ASP B 254 -12.09 4.01 -7.25
CA ASP B 254 -11.78 5.32 -7.84
C ASP B 254 -11.91 5.25 -9.35
N LEU B 255 -12.99 5.83 -9.86
CA LEU B 255 -13.33 5.79 -11.28
C LEU B 255 -13.37 7.18 -11.89
N HIS B 256 -12.88 8.20 -11.19
CA HIS B 256 -12.80 9.52 -11.81
C HIS B 256 -11.67 9.53 -12.84
N GLY B 257 -11.70 10.56 -13.69
CA GLY B 257 -10.84 10.58 -14.86
C GLY B 257 -9.36 10.44 -14.53
N GLU B 258 -8.90 11.11 -13.49
CA GLU B 258 -7.47 11.06 -13.18
C GLU B 258 -7.05 9.66 -12.74
N ALA B 259 -7.87 9.03 -11.89
CA ALA B 259 -7.63 7.65 -11.50
C ALA B 259 -7.53 6.74 -12.72
N LEU B 260 -8.44 6.90 -13.68
CA LEU B 260 -8.49 5.99 -14.81
C LEU B 260 -7.30 6.21 -15.76
N VAL B 261 -6.99 7.49 -16.05
CA VAL B 261 -5.78 7.79 -16.81
C VAL B 261 -4.56 7.12 -16.19
N ASN B 262 -4.43 7.24 -14.86
CA ASN B 262 -3.26 6.65 -14.21
C ASN B 262 -3.23 5.13 -14.36
N LEU B 263 -4.39 4.46 -14.29
CA LEU B 263 -4.39 3.01 -14.45
C LEU B 263 -3.97 2.60 -15.85
N ILE B 264 -4.43 3.35 -16.85
CA ILE B 264 -4.11 3.02 -18.23
C ILE B 264 -2.60 3.15 -18.46
N ASP B 265 -2.02 4.29 -18.04
CA ASP B 265 -0.60 4.50 -18.24
C ASP B 265 0.26 3.65 -17.32
N THR B 266 -0.22 3.29 -16.13
CA THR B 266 0.62 2.54 -15.20
C THR B 266 0.64 1.05 -15.52
N TYR B 267 -0.49 0.48 -15.93
CA TYR B 267 -0.55 -0.95 -16.16
C TYR B 267 -0.69 -1.32 -17.63
N GLY B 268 -0.68 -0.34 -18.52
CA GLY B 268 -0.65 -0.69 -19.93
C GLY B 268 -1.96 -1.22 -20.47
N VAL B 269 -3.08 -0.70 -19.98
CA VAL B 269 -4.41 -1.10 -20.46
C VAL B 269 -4.48 -0.98 -21.97
N THR B 270 -4.96 -2.03 -22.62
CA THR B 270 -5.19 -1.98 -24.07
C THR B 270 -6.66 -1.86 -24.45
N LEU B 271 -7.57 -2.34 -23.60
CA LEU B 271 -8.99 -2.34 -23.88
C LEU B 271 -9.72 -1.95 -22.61
N ALA B 272 -10.58 -0.93 -22.70
CA ALA B 272 -11.34 -0.44 -21.56
C ALA B 272 -12.80 -0.29 -21.95
N MET B 273 -13.70 -0.51 -20.99
CA MET B 273 -15.12 -0.59 -21.28
C MET B 273 -15.92 0.10 -20.18
N GLY B 274 -16.91 0.89 -20.58
CA GLY B 274 -17.65 1.69 -19.63
C GLY B 274 -18.75 2.45 -20.34
N VAL B 275 -19.68 2.96 -19.52
CA VAL B 275 -20.74 3.86 -20.00
C VAL B 275 -20.13 5.20 -20.41
N PRO B 276 -20.80 5.97 -21.28
CA PRO B 276 -20.25 7.28 -21.71
C PRO B 276 -19.75 8.20 -20.60
N THR B 277 -20.51 8.39 -19.52
CA THR B 277 -20.13 9.38 -18.51
C THR B 277 -18.78 9.10 -17.89
N ILE B 278 -18.37 7.83 -17.78
CA ILE B 278 -17.05 7.60 -17.20
C ILE B 278 -15.97 7.98 -18.21
N TRP B 279 -16.29 7.98 -19.51
CA TRP B 279 -15.32 8.40 -20.52
C TRP B 279 -15.21 9.91 -20.65
N GLN B 280 -16.22 10.67 -20.23
CA GLN B 280 -16.06 12.12 -20.24
C GLN B 280 -14.99 12.54 -19.24
N GLY B 281 -15.04 11.99 -18.03
CA GLY B 281 -14.03 12.34 -17.04
C GLY B 281 -12.63 11.95 -17.48
N LEU B 282 -12.49 10.73 -18.02
CA LEU B 282 -11.19 10.27 -18.51
C LEU B 282 -10.65 11.19 -19.59
N LEU B 283 -11.43 11.40 -20.67
CA LEU B 283 -10.97 12.25 -21.75
C LEU B 283 -10.73 13.68 -21.28
N ALA B 284 -11.59 14.19 -20.39
CA ALA B 284 -11.38 15.54 -19.87
C ALA B 284 -10.04 15.63 -19.16
N HIS B 285 -9.75 14.69 -18.25
CA HIS B 285 -8.47 14.76 -17.56
C HIS B 285 -7.29 14.50 -18.48
N ALA B 286 -7.45 13.59 -19.45
CA ALA B 286 -6.32 13.28 -20.32
C ALA B 286 -5.89 14.50 -21.13
N ALA B 287 -6.84 15.33 -21.55
CA ALA B 287 -6.49 16.55 -22.27
C ALA B 287 -5.70 17.51 -21.38
N LYS B 288 -5.93 17.49 -20.08
CA LYS B 288 -5.24 18.41 -19.19
C LYS B 288 -3.80 17.99 -18.95
N CYS B 289 -3.56 16.70 -18.70
CA CYS B 289 -2.22 16.23 -18.35
C CYS B 289 -1.37 15.88 -19.57
N GLY B 290 -1.98 15.74 -20.74
CA GLY B 290 -1.24 15.53 -21.96
C GLY B 290 -0.88 14.10 -22.31
N THR B 291 -1.38 13.11 -21.56
CA THR B 291 -1.02 11.73 -21.83
C THR B 291 -1.45 11.30 -23.23
N LYS B 292 -0.70 10.38 -23.83
CA LYS B 292 -1.09 9.82 -25.10
C LYS B 292 -1.87 8.51 -24.95
N LEU B 293 -2.12 8.05 -23.72
CA LEU B 293 -2.78 6.76 -23.49
C LEU B 293 -2.15 5.69 -24.39
N GLU B 294 -0.82 5.64 -24.37
CA GLU B 294 -0.03 4.90 -25.35
C GLU B 294 -0.55 3.48 -25.56
N SER B 295 -0.85 2.77 -24.47
CA SER B 295 -1.22 1.37 -24.56
C SER B 295 -2.66 1.14 -25.02
N LEU B 296 -3.53 2.14 -24.89
CA LEU B 296 -4.94 1.93 -25.19
C LEU B 296 -5.13 1.75 -26.69
N GLU B 297 -5.68 0.61 -27.09
CA GLU B 297 -6.01 0.35 -28.49
C GLU B 297 -7.50 0.47 -28.76
N ARG B 298 -8.36 0.07 -27.81
CA ARG B 298 -9.74 -0.18 -28.12
C ARG B 298 -10.62 0.20 -26.94
N THR B 299 -11.88 0.45 -27.24
CA THR B 299 -12.82 0.82 -26.21
C THR B 299 -14.19 0.23 -26.57
N VAL B 300 -14.91 -0.20 -25.54
CA VAL B 300 -16.29 -0.64 -25.66
C VAL B 300 -17.14 0.31 -24.84
N ILE B 301 -18.05 1.01 -25.50
CA ILE B 301 -18.86 2.05 -24.87
C ILE B 301 -20.31 1.73 -25.18
N GLY B 302 -21.12 1.56 -24.13
CA GLY B 302 -22.51 1.28 -24.26
C GLY B 302 -23.23 1.61 -22.95
N GLY B 303 -24.43 1.07 -22.82
CA GLY B 303 -25.28 1.38 -21.68
C GLY B 303 -26.08 2.64 -21.90
N ALA B 304 -25.46 3.65 -22.50
CA ALA B 304 -26.16 4.81 -23.05
C ALA B 304 -25.55 5.08 -24.42
N ALA B 305 -26.20 5.97 -25.19
CA ALA B 305 -25.71 6.26 -26.54
C ALA B 305 -24.34 6.90 -26.46
N CYS B 306 -23.37 6.33 -27.17
CA CYS B 306 -22.05 6.95 -27.28
C CYS B 306 -22.15 8.21 -28.11
N PRO B 307 -21.79 9.38 -27.59
CA PRO B 307 -21.76 10.58 -28.42
C PRO B 307 -20.85 10.36 -29.62
N PRO B 308 -21.29 10.71 -30.83
CA PRO B 308 -20.40 10.59 -31.99
C PRO B 308 -19.09 11.36 -31.83
N SER B 309 -19.11 12.49 -31.14
CA SER B 309 -17.88 13.25 -30.94
C SER B 309 -16.93 12.57 -29.98
N MET B 310 -17.43 11.68 -29.12
CA MET B 310 -16.57 10.87 -28.26
C MET B 310 -15.84 9.83 -29.09
N ILE B 311 -16.53 9.20 -30.04
CA ILE B 311 -15.90 8.26 -30.95
C ILE B 311 -14.81 8.97 -31.76
N ALA B 312 -15.13 10.16 -32.27
CA ALA B 312 -14.15 10.93 -33.04
C ALA B 312 -12.92 11.25 -32.21
N THR B 313 -13.10 11.66 -30.95
CA THR B 313 -11.94 12.04 -30.14
C THR B 313 -10.98 10.86 -29.97
N PHE B 314 -11.49 9.70 -29.55
CA PHE B 314 -10.61 8.56 -29.39
C PHE B 314 -9.90 8.24 -30.71
N ARG B 315 -10.64 8.24 -31.82
CA ARG B 315 -10.03 7.91 -33.10
C ARG B 315 -9.00 8.96 -33.51
N GLU B 316 -9.39 10.23 -33.52
CA GLU B 316 -8.55 11.28 -34.10
C GLU B 316 -7.39 11.65 -33.17
N LYS B 317 -7.65 11.72 -31.88
CA LYS B 317 -6.62 12.19 -30.96
C LYS B 317 -5.76 11.06 -30.41
N TYR B 318 -6.26 9.83 -30.36
CA TYR B 318 -5.48 8.76 -29.73
C TYR B 318 -5.25 7.55 -30.62
N GLY B 319 -5.82 7.49 -31.82
CA GLY B 319 -5.72 6.29 -32.62
C GLY B 319 -6.45 5.11 -32.01
N VAL B 320 -7.49 5.36 -31.22
CA VAL B 320 -8.23 4.33 -30.48
C VAL B 320 -9.58 4.13 -31.16
N ASP B 321 -9.89 2.87 -31.49
CA ASP B 321 -11.17 2.53 -32.11
C ASP B 321 -12.22 2.25 -31.04
N THR B 322 -13.36 2.92 -31.15
CA THR B 322 -14.47 2.77 -30.21
C THR B 322 -15.50 1.81 -30.76
N VAL B 323 -15.75 0.73 -30.03
CA VAL B 323 -16.83 -0.18 -30.37
C VAL B 323 -18.08 0.24 -29.59
N HIS B 324 -19.04 0.82 -30.30
CA HIS B 324 -20.32 1.18 -29.71
C HIS B 324 -21.18 -0.08 -29.62
N ALA B 325 -21.67 -0.38 -28.42
CA ALA B 325 -22.44 -1.59 -28.23
C ALA B 325 -23.69 -1.30 -27.42
N TRP B 326 -24.74 -2.09 -27.66
CA TRP B 326 -26.00 -1.96 -26.95
C TRP B 326 -26.39 -3.29 -26.35
N GLY B 327 -27.08 -3.21 -25.22
CA GLY B 327 -27.54 -4.40 -24.53
C GLY B 327 -28.30 -4.03 -23.28
N MET B 328 -28.61 -5.05 -22.48
CA MET B 328 -29.48 -4.89 -21.32
C MET B 328 -29.22 -6.03 -20.35
N SER B 329 -29.64 -5.79 -19.09
CA SER B 329 -29.64 -6.82 -18.06
C SER B 329 -30.32 -8.09 -18.54
N GLU B 330 -31.46 -7.93 -19.22
CA GLU B 330 -32.24 -9.04 -19.78
C GLU B 330 -31.52 -9.75 -20.95
N MET B 331 -30.41 -9.21 -21.44
CA MET B 331 -29.68 -9.88 -22.51
C MET B 331 -28.25 -10.23 -22.12
N SER B 332 -28.07 -10.20 -20.80
CA SER B 332 -26.88 -10.53 -20.05
C SER B 332 -25.47 -10.02 -20.40
N PRO B 333 -25.24 -8.89 -21.10
CA PRO B 333 -26.07 -7.89 -21.76
C PRO B 333 -26.00 -7.82 -23.30
N LEU B 334 -25.04 -8.49 -23.93
CA LEU B 334 -24.70 -8.19 -25.32
C LEU B 334 -25.87 -8.39 -26.28
N GLY B 335 -26.25 -7.32 -26.97
CA GLY B 335 -27.20 -7.36 -28.08
C GLY B 335 -26.56 -7.05 -29.43
N THR B 336 -25.91 -5.89 -29.55
CA THR B 336 -25.28 -5.47 -30.81
C THR B 336 -23.94 -4.81 -30.52
N ALA B 337 -23.04 -4.90 -31.50
CA ALA B 337 -21.75 -4.24 -31.43
C ALA B 337 -21.43 -3.66 -32.82
N ASN B 338 -20.83 -2.47 -32.83
CA ASN B 338 -20.57 -1.78 -34.09
C ASN B 338 -19.14 -2.09 -34.55
N ILE B 339 -19.05 -2.96 -35.56
CA ILE B 339 -17.82 -3.29 -36.27
C ILE B 339 -18.18 -3.20 -37.76
N PRO B 340 -17.27 -2.77 -38.63
CA PRO B 340 -17.62 -2.64 -40.05
C PRO B 340 -17.93 -3.97 -40.73
N LEU B 341 -18.54 -3.86 -41.90
CA LEU B 341 -18.58 -4.93 -42.90
C LEU B 341 -17.56 -4.65 -44.00
N ALA B 342 -17.19 -5.70 -44.74
CA ALA B 342 -16.24 -5.58 -45.85
C ALA B 342 -16.64 -4.47 -46.83
N LYS B 343 -17.92 -4.44 -47.20
CA LYS B 343 -18.44 -3.43 -48.12
C LYS B 343 -18.05 -2.01 -47.71
N HIS B 344 -17.99 -1.75 -46.41
CA HIS B 344 -17.79 -0.41 -45.92
C HIS B 344 -16.40 0.15 -46.26
N ARG B 345 -15.41 -0.71 -46.53
CA ARG B 345 -14.06 -0.23 -46.82
C ARG B 345 -13.96 0.46 -48.17
N LYS B 346 -14.96 0.30 -49.06
CA LYS B 346 -15.02 0.99 -50.33
C LYS B 346 -15.63 2.39 -50.23
N LEU B 347 -16.50 2.62 -49.24
CA LEU B 347 -17.22 3.89 -49.13
C LEU B 347 -16.24 5.03 -48.82
N PRO B 348 -16.66 6.28 -49.11
CA PRO B 348 -15.83 7.43 -48.73
C PRO B 348 -15.51 7.43 -47.24
N ILE B 349 -14.32 7.93 -46.91
CA ILE B 349 -13.76 7.80 -45.57
C ILE B 349 -14.70 8.33 -44.49
N GLU B 350 -15.48 9.36 -44.76
CA GLU B 350 -16.31 9.88 -43.69
C GLU B 350 -17.71 9.28 -43.66
N GLU B 351 -18.19 8.71 -44.76
CA GLU B 351 -19.31 7.78 -44.61
C GLU B 351 -18.90 6.59 -43.75
N GLN B 352 -17.61 6.23 -43.76
CA GLN B 352 -17.11 5.14 -42.93
C GLN B 352 -17.08 5.50 -41.46
N HIS B 353 -16.68 6.73 -41.13
CA HIS B 353 -16.78 7.18 -39.74
C HIS B 353 -18.22 7.24 -39.30
N LYS B 354 -19.11 7.64 -40.22
CA LYS B 354 -20.53 7.79 -39.89
C LYS B 354 -21.15 6.46 -39.50
N LEU B 355 -20.73 5.37 -40.13
CA LEU B 355 -21.37 4.09 -39.86
C LEU B 355 -21.00 3.51 -38.50
N ARG B 356 -19.96 4.03 -37.85
CA ARG B 356 -19.58 3.51 -36.52
C ARG B 356 -20.38 4.15 -35.38
N GLU B 357 -21.34 5.01 -35.69
CA GLU B 357 -22.01 5.78 -34.65
C GLU B 357 -23.21 5.05 -34.06
N ASN B 358 -23.93 4.27 -34.85
CA ASN B 358 -25.12 3.60 -34.38
C ASN B 358 -24.76 2.45 -33.42
N GLN B 359 -25.77 1.83 -32.83
CA GLN B 359 -25.53 0.87 -31.75
C GLN B 359 -24.97 -0.47 -32.23
N GLY B 360 -24.98 -0.74 -33.54
CA GLY B 360 -24.26 -1.87 -34.10
C GLY B 360 -25.18 -2.96 -34.60
N ARG B 361 -24.57 -4.12 -34.85
CA ARG B 361 -25.24 -5.22 -35.50
C ARG B 361 -25.14 -6.48 -34.65
N PRO B 362 -26.12 -7.38 -34.73
CA PRO B 362 -26.18 -8.50 -33.80
C PRO B 362 -25.25 -9.62 -34.20
N PRO B 363 -24.65 -10.31 -33.24
CA PRO B 363 -23.82 -11.47 -33.56
C PRO B 363 -24.66 -12.74 -33.56
N PHE B 364 -24.02 -13.84 -33.98
CA PHE B 364 -24.70 -15.13 -33.91
C PHE B 364 -25.10 -15.42 -32.47
N GLY B 365 -26.36 -15.81 -32.29
CA GLY B 365 -26.93 -16.03 -30.98
C GLY B 365 -27.98 -15.01 -30.61
N VAL B 366 -28.04 -13.89 -31.31
CA VAL B 366 -28.99 -12.81 -31.03
C VAL B 366 -29.82 -12.59 -32.29
N GLU B 367 -31.10 -12.35 -32.11
CA GLU B 367 -31.95 -11.91 -33.20
C GLU B 367 -32.71 -10.65 -32.79
N LEU B 368 -32.88 -9.74 -33.74
CA LEU B 368 -33.55 -8.46 -33.52
C LEU B 368 -34.62 -8.25 -34.57
N LYS B 369 -35.75 -7.68 -34.17
CA LYS B 369 -36.74 -7.17 -35.11
C LYS B 369 -37.47 -5.99 -34.45
N ILE B 370 -38.16 -5.20 -35.26
CA ILE B 370 -38.99 -4.14 -34.71
C ILE B 370 -40.43 -4.38 -35.13
N VAL B 371 -41.34 -4.02 -34.22
CA VAL B 371 -42.77 -4.19 -34.42
C VAL B 371 -43.47 -2.87 -34.10
N ASP B 372 -44.66 -2.71 -34.66
CA ASP B 372 -45.46 -1.50 -34.51
C ASP B 372 -46.29 -1.59 -33.22
N ASP B 373 -47.20 -0.63 -33.01
CA ASP B 373 -48.00 -0.60 -31.79
C ASP B 373 -48.98 -1.77 -31.69
N ASP B 374 -49.36 -2.38 -32.81
CA ASP B 374 -50.17 -3.59 -32.75
C ASP B 374 -49.33 -4.86 -32.61
N GLY B 375 -48.02 -4.74 -32.68
CA GLY B 375 -47.14 -5.88 -32.56
C GLY B 375 -46.74 -6.53 -33.87
N ASN B 376 -47.13 -5.94 -35.00
CA ASN B 376 -46.81 -6.52 -36.30
C ASN B 376 -45.44 -6.04 -36.77
N ASP B 377 -44.78 -6.89 -37.55
CA ASP B 377 -43.42 -6.60 -38.00
C ASP B 377 -43.38 -5.30 -38.80
N LEU B 378 -42.25 -4.61 -38.73
CA LEU B 378 -42.00 -3.43 -39.53
C LEU B 378 -40.80 -3.67 -40.43
N PRO B 379 -40.73 -3.00 -41.58
CA PRO B 379 -39.58 -3.17 -42.46
C PRO B 379 -38.29 -2.78 -41.76
N HIS B 380 -37.24 -3.57 -42.03
CA HIS B 380 -35.90 -3.25 -41.57
C HIS B 380 -35.20 -2.40 -42.63
N ASP B 381 -35.70 -1.19 -42.81
CA ASP B 381 -35.24 -0.30 -43.88
C ASP B 381 -34.32 0.80 -43.38
N GLY B 382 -33.95 0.79 -42.10
CA GLY B 382 -33.09 1.83 -41.57
C GLY B 382 -33.76 3.16 -41.28
N VAL B 383 -35.06 3.31 -41.52
CA VAL B 383 -35.71 4.60 -41.33
C VAL B 383 -37.00 4.45 -40.54
N THR B 384 -37.74 3.37 -40.78
CA THR B 384 -38.93 3.09 -40.00
C THR B 384 -38.55 2.81 -38.54
N GLN B 385 -39.32 3.43 -37.63
CA GLN B 385 -39.14 3.28 -36.20
C GLN B 385 -40.16 2.29 -35.63
N GLY B 386 -39.73 1.49 -34.68
CA GLY B 386 -40.65 0.57 -34.04
C GLY B 386 -40.11 0.17 -32.69
N ASP B 387 -40.93 -0.62 -31.99
CA ASP B 387 -40.51 -1.24 -30.72
C ASP B 387 -39.55 -2.39 -31.00
N LEU B 388 -38.35 -2.30 -30.42
CA LEU B 388 -37.29 -3.28 -30.65
C LEU B 388 -37.55 -4.54 -29.81
N MET B 389 -37.51 -5.69 -30.49
CA MET B 389 -37.76 -6.99 -29.88
C MET B 389 -36.54 -7.87 -30.04
N VAL B 390 -36.29 -8.74 -29.06
CA VAL B 390 -35.09 -9.59 -29.10
C VAL B 390 -35.43 -11.00 -28.65
N ARG B 391 -34.65 -11.96 -29.18
CA ARG B 391 -34.65 -13.34 -28.71
C ARG B 391 -33.28 -13.95 -29.01
N GLY B 392 -32.96 -15.04 -28.32
CA GLY B 392 -31.66 -15.67 -28.50
C GLY B 392 -31.26 -16.49 -27.28
N HIS B 393 -30.01 -16.97 -27.32
CA HIS B 393 -29.49 -17.89 -26.32
C HIS B 393 -29.25 -17.26 -24.96
N TRP B 394 -29.13 -15.93 -24.86
CA TRP B 394 -28.85 -15.29 -23.58
C TRP B 394 -29.82 -14.15 -23.32
N VAL B 395 -31.02 -14.26 -23.87
CA VAL B 395 -32.13 -13.35 -23.61
C VAL B 395 -33.04 -14.02 -22.59
N LEU B 396 -33.51 -13.27 -21.63
CA LEU B 396 -34.36 -13.85 -20.63
C LEU B 396 -35.70 -14.37 -21.11
N ASP B 397 -36.16 -15.43 -20.50
CA ASP B 397 -37.49 -15.97 -20.78
C ASP B 397 -38.54 -15.37 -19.83
N SER B 398 -38.21 -15.23 -18.56
CA SER B 398 -39.12 -14.66 -17.55
C SER B 398 -38.28 -14.05 -16.44
N TYR B 399 -38.89 -13.14 -15.68
CA TYR B 399 -38.19 -12.53 -14.55
C TYR B 399 -38.26 -13.42 -13.31
N PHE B 400 -37.27 -13.24 -12.44
CA PHE B 400 -37.16 -14.03 -11.21
C PHE B 400 -38.39 -13.85 -10.32
N GLN B 401 -38.96 -14.98 -9.85
CA GLN B 401 -40.18 -15.05 -9.06
C GLN B 401 -41.41 -14.59 -9.83
N LEU B 402 -41.35 -14.58 -11.15
CA LEU B 402 -42.48 -14.17 -11.97
C LEU B 402 -42.54 -15.05 -13.21
N LYS B 403 -42.47 -16.38 -12.99
CA LYS B 403 -42.28 -17.33 -14.09
C LYS B 403 -43.44 -17.30 -15.08
N ASP B 404 -44.68 -17.25 -14.59
CA ASP B 404 -45.84 -17.42 -15.44
C ASP B 404 -46.62 -16.10 -15.48
N GLN B 405 -46.09 -15.13 -16.22
CA GLN B 405 -46.72 -13.82 -16.31
C GLN B 405 -46.71 -13.26 -17.72
N GLU B 406 -46.68 -14.13 -18.73
CA GLU B 406 -46.88 -13.74 -20.13
C GLU B 406 -45.96 -12.58 -20.52
N LEU B 407 -44.67 -12.76 -20.32
CA LEU B 407 -43.80 -11.64 -20.65
C LEU B 407 -43.51 -11.57 -22.14
N LEU B 408 -43.28 -12.71 -22.77
CA LEU B 408 -42.88 -12.68 -24.17
C LEU B 408 -44.09 -12.40 -25.06
N GLN B 409 -43.81 -11.79 -26.20
CA GLN B 409 -44.78 -11.58 -27.26
C GLN B 409 -44.39 -12.52 -28.38
N ASP B 410 -45.09 -13.65 -28.48
CA ASP B 410 -44.85 -14.64 -29.54
C ASP B 410 -43.40 -15.14 -29.50
N GLY B 411 -42.86 -15.29 -28.30
CA GLY B 411 -41.51 -15.74 -28.09
C GLY B 411 -40.45 -14.67 -28.14
N TRP B 412 -40.82 -13.40 -28.33
CA TRP B 412 -39.84 -12.31 -28.32
C TRP B 412 -39.95 -11.52 -27.03
N PHE B 413 -38.82 -11.02 -26.58
CA PHE B 413 -38.77 -10.11 -25.43
C PHE B 413 -38.84 -8.67 -25.91
N ALA B 414 -39.77 -7.89 -25.36
CA ALA B 414 -39.91 -6.48 -25.69
C ALA B 414 -38.90 -5.67 -24.89
N THR B 415 -38.00 -4.97 -25.57
CA THR B 415 -36.91 -4.27 -24.88
C THR B 415 -37.35 -2.95 -24.24
N GLY B 416 -38.43 -2.33 -24.71
CA GLY B 416 -38.79 -0.98 -24.28
C GLY B 416 -38.07 0.13 -25.01
N ASP B 417 -37.15 -0.20 -25.91
CA ASP B 417 -36.45 0.79 -26.70
C ASP B 417 -37.15 0.98 -28.05
N VAL B 418 -37.08 2.20 -28.57
CA VAL B 418 -37.56 2.53 -29.91
C VAL B 418 -36.35 2.63 -30.83
N ALA B 419 -36.37 1.89 -31.94
CA ALA B 419 -35.20 1.83 -32.79
C ALA B 419 -35.60 1.65 -34.24
N THR B 420 -34.65 1.92 -35.12
CA THR B 420 -34.66 1.44 -36.49
C THR B 420 -33.67 0.29 -36.64
N LEU B 421 -33.88 -0.53 -37.66
CA LEU B 421 -32.99 -1.61 -38.04
C LEU B 421 -32.81 -1.55 -39.55
N ASP B 422 -31.57 -1.57 -40.02
CA ASP B 422 -31.34 -1.48 -41.45
C ASP B 422 -31.19 -2.88 -42.03
N PRO B 423 -31.13 -3.01 -43.37
CA PRO B 423 -31.11 -4.36 -43.95
C PRO B 423 -29.83 -5.13 -43.60
N ASP B 424 -28.73 -4.43 -43.36
CA ASP B 424 -27.51 -5.01 -42.81
C ASP B 424 -27.61 -5.33 -41.34
N GLY B 425 -28.76 -5.19 -40.69
CA GLY B 425 -28.91 -5.52 -39.28
C GLY B 425 -28.35 -4.49 -38.32
N TYR B 426 -27.91 -3.33 -38.79
CA TYR B 426 -27.48 -2.29 -37.87
C TYR B 426 -28.67 -1.61 -37.21
N MET B 427 -28.58 -1.45 -35.89
CA MET B 427 -29.66 -0.94 -35.06
C MET B 427 -29.35 0.48 -34.59
N THR B 428 -30.34 1.35 -34.67
CA THR B 428 -30.18 2.73 -34.20
C THR B 428 -31.20 3.02 -33.13
N ILE B 429 -30.74 3.36 -31.93
CA ILE B 429 -31.67 3.71 -30.87
C ILE B 429 -32.24 5.09 -31.15
N ARG B 430 -33.57 5.17 -31.25
CA ARG B 430 -34.20 6.49 -31.29
C ARG B 430 -34.39 7.04 -29.88
N ASP B 431 -34.99 6.25 -29.00
CA ASP B 431 -35.07 6.59 -27.59
C ASP B 431 -35.64 5.40 -26.84
N ARG B 432 -35.38 5.38 -25.54
CA ARG B 432 -36.24 4.63 -24.64
C ARG B 432 -37.67 5.10 -24.83
N SER B 433 -38.62 4.18 -24.65
CA SER B 433 -40.04 4.56 -24.74
C SER B 433 -40.39 5.62 -23.71
N LYS B 434 -39.71 5.63 -22.57
CA LYS B 434 -40.00 6.52 -21.46
C LYS B 434 -39.44 7.92 -21.63
N ASP B 435 -38.43 8.09 -22.48
CA ASP B 435 -37.78 9.38 -22.68
C ASP B 435 -38.13 10.03 -24.01
N ILE B 436 -38.80 9.31 -24.92
CA ILE B 436 -39.11 9.88 -26.22
C ILE B 436 -40.03 11.08 -26.02
N ILE B 437 -39.83 12.10 -26.84
CA ILE B 437 -40.54 13.38 -26.68
C ILE B 437 -41.66 13.45 -27.71
N LYS B 438 -42.87 13.75 -27.25
CA LYS B 438 -44.03 13.85 -28.13
C LYS B 438 -44.41 15.32 -28.27
N SER B 439 -43.94 15.93 -29.34
CA SER B 439 -44.11 17.36 -29.57
C SER B 439 -44.89 17.58 -30.86
N GLY B 440 -45.95 18.38 -30.78
CA GLY B 440 -46.87 18.45 -31.90
C GLY B 440 -47.51 17.09 -32.05
N GLY B 441 -47.54 16.59 -33.27
CA GLY B 441 -48.05 15.26 -33.53
C GLY B 441 -46.99 14.21 -33.82
N GLU B 442 -45.71 14.50 -33.60
CA GLU B 442 -44.63 13.62 -34.00
C GLU B 442 -43.70 13.35 -32.83
N TRP B 443 -42.91 12.30 -32.96
CA TRP B 443 -41.94 11.91 -31.94
C TRP B 443 -40.63 12.63 -32.18
N ILE B 444 -39.99 13.06 -31.10
CA ILE B 444 -38.65 13.62 -31.15
C ILE B 444 -37.71 12.71 -30.38
N SER B 445 -36.60 12.32 -31.02
CA SER B 445 -35.57 11.53 -30.37
C SER B 445 -34.73 12.45 -29.50
N SER B 446 -34.87 12.34 -28.19
CA SER B 446 -34.01 13.13 -27.32
C SER B 446 -32.56 12.71 -27.51
N VAL B 447 -32.30 11.42 -27.75
CA VAL B 447 -30.94 10.92 -27.91
C VAL B 447 -30.26 11.56 -29.11
N GLU B 448 -30.95 11.64 -30.24
CA GLU B 448 -30.37 12.32 -31.39
C GLU B 448 -30.04 13.77 -31.07
N LEU B 449 -30.92 14.44 -30.32
CA LEU B 449 -30.73 15.86 -30.00
C LEU B 449 -29.53 16.08 -29.08
N GLU B 450 -29.42 15.28 -28.00
CA GLU B 450 -28.31 15.50 -27.07
C GLU B 450 -26.97 15.24 -27.75
N ASN B 451 -26.91 14.23 -28.62
CA ASN B 451 -25.63 13.90 -29.24
C ASN B 451 -25.19 14.96 -30.24
N ILE B 452 -26.13 15.65 -30.89
CA ILE B 452 -25.78 16.85 -31.63
C ILE B 452 -25.20 17.89 -30.69
N ALA B 453 -25.85 18.09 -29.53
CA ALA B 453 -25.44 19.14 -28.61
C ALA B 453 -24.08 18.82 -27.98
N VAL B 454 -23.87 17.55 -27.62
CA VAL B 454 -22.62 17.14 -27.00
C VAL B 454 -21.45 17.47 -27.92
N ALA B 455 -21.66 17.33 -29.24
CA ALA B 455 -20.61 17.60 -30.22
C ALA B 455 -20.19 19.06 -30.28
N HIS B 456 -21.00 19.98 -29.75
CA HIS B 456 -20.58 21.37 -29.75
C HIS B 456 -19.30 21.50 -28.92
N PRO B 457 -18.27 22.19 -29.43
CA PRO B 457 -16.99 22.21 -28.72
C PRO B 457 -17.02 22.99 -27.41
N LYS B 458 -18.03 23.83 -27.19
CA LYS B 458 -18.12 24.59 -25.95
C LYS B 458 -18.91 23.86 -24.86
N LEU B 459 -19.48 22.70 -25.14
CA LEU B 459 -20.19 21.90 -24.14
C LEU B 459 -19.37 20.68 -23.79
N ALA B 460 -19.24 20.39 -22.51
CA ALA B 460 -18.64 19.16 -22.06
C ALA B 460 -19.61 18.00 -22.24
N THR B 461 -20.85 18.19 -21.79
CA THR B 461 -21.91 17.21 -22.03
C THR B 461 -23.23 17.96 -22.13
N ALA B 462 -24.31 17.22 -22.33
CA ALA B 462 -25.63 17.81 -22.41
C ALA B 462 -26.67 16.70 -22.33
N ALA B 463 -27.88 17.07 -21.93
CA ALA B 463 -29.02 16.18 -22.01
C ALA B 463 -30.21 16.96 -22.56
N VAL B 464 -31.08 16.26 -23.29
CA VAL B 464 -32.32 16.81 -23.82
C VAL B 464 -33.47 16.03 -23.19
N ILE B 465 -34.45 16.76 -22.67
CA ILE B 465 -35.62 16.14 -22.05
C ILE B 465 -36.87 16.87 -22.54
N GLY B 466 -37.97 16.13 -22.60
CA GLY B 466 -39.25 16.75 -22.89
C GLY B 466 -39.79 17.41 -21.64
N VAL B 467 -40.20 18.67 -21.77
CA VAL B 467 -40.90 19.36 -20.68
C VAL B 467 -42.28 19.82 -21.18
N PRO B 468 -43.29 19.85 -20.30
CA PRO B 468 -44.64 20.20 -20.75
C PRO B 468 -44.76 21.62 -21.28
N HIS B 469 -45.66 21.79 -22.25
CA HIS B 469 -45.93 23.02 -22.94
C HIS B 469 -47.42 23.04 -23.21
N PRO B 470 -48.11 24.18 -23.00
CA PRO B 470 -49.57 24.17 -23.09
C PRO B 470 -50.09 23.87 -24.48
N LYS B 471 -49.33 24.20 -25.53
CA LYS B 471 -49.79 23.99 -26.88
C LYS B 471 -49.28 22.67 -27.47
N TRP B 472 -47.98 22.39 -27.34
CA TRP B 472 -47.35 21.29 -28.06
C TRP B 472 -47.24 20.00 -27.26
N ASP B 473 -47.89 19.92 -26.09
CA ASP B 473 -47.86 18.76 -25.20
C ASP B 473 -46.54 18.71 -24.44
N GLU B 474 -45.43 18.50 -25.16
CA GLU B 474 -44.13 18.72 -24.55
C GLU B 474 -43.18 19.23 -25.61
N ARG B 475 -42.07 19.81 -25.14
CA ARG B 475 -41.07 20.41 -26.02
C ARG B 475 -39.70 20.05 -25.51
N PRO B 476 -38.71 19.88 -26.40
CA PRO B 476 -37.36 19.55 -25.94
C PRO B 476 -36.73 20.75 -25.25
N LEU B 477 -36.05 20.45 -24.15
CA LEU B 477 -35.22 21.41 -23.43
C LEU B 477 -33.77 20.93 -23.48
N LEU B 478 -32.86 21.84 -23.81
CA LEU B 478 -31.44 21.53 -23.77
C LEU B 478 -30.92 21.87 -22.37
N VAL B 479 -30.47 20.85 -21.65
CA VAL B 479 -29.76 21.00 -20.39
C VAL B 479 -28.29 20.79 -20.71
N ALA B 480 -27.49 21.85 -20.62
CA ALA B 480 -26.11 21.86 -21.11
C ALA B 480 -25.11 22.02 -19.97
N VAL B 481 -23.95 21.41 -20.13
CA VAL B 481 -22.81 21.63 -19.25
C VAL B 481 -21.72 22.31 -20.07
N LYS B 482 -21.32 23.52 -19.65
CA LYS B 482 -20.25 24.23 -20.35
C LYS B 482 -18.93 23.48 -20.23
N ALA B 483 -18.20 23.39 -21.34
CA ALA B 483 -16.86 22.82 -21.31
C ALA B 483 -15.90 23.75 -20.57
N GLU B 484 -14.81 23.17 -20.08
CA GLU B 484 -13.75 23.92 -19.40
C GLU B 484 -13.15 24.98 -20.32
N GLY B 485 -13.08 26.21 -19.81
CA GLY B 485 -12.52 27.31 -20.59
C GLY B 485 -13.44 27.86 -21.65
N GLU B 486 -14.71 27.47 -21.67
CA GLU B 486 -15.66 27.92 -22.69
C GLU B 486 -16.89 28.52 -22.03
N ASP B 487 -17.57 29.38 -22.79
CA ASP B 487 -18.73 30.11 -22.29
C ASP B 487 -19.67 30.39 -23.45
N PRO B 488 -20.35 29.36 -23.95
CA PRO B 488 -21.25 29.56 -25.07
C PRO B 488 -22.51 30.28 -24.64
N SER B 489 -23.08 31.05 -25.56
CA SER B 489 -24.38 31.65 -25.28
C SER B 489 -25.49 30.69 -25.67
N GLU B 490 -26.66 30.90 -25.07
CA GLU B 490 -27.81 30.06 -25.38
C GLU B 490 -28.11 30.06 -26.88
N ALA B 491 -28.10 31.24 -27.49
CA ALA B 491 -28.45 31.33 -28.91
C ALA B 491 -27.52 30.50 -29.78
N GLU B 492 -26.20 30.57 -29.54
CA GLU B 492 -25.30 29.87 -30.44
C GLU B 492 -25.40 28.35 -30.26
N LEU B 493 -25.73 27.88 -29.07
CA LEU B 493 -26.02 26.46 -28.90
C LEU B 493 -27.25 26.05 -29.73
N LEU B 494 -28.26 26.93 -29.81
CA LEU B 494 -29.46 26.60 -30.56
C LEU B 494 -29.20 26.66 -32.07
N GLU B 495 -28.43 27.66 -32.51
CA GLU B 495 -28.11 27.77 -33.93
C GLU B 495 -27.22 26.62 -34.41
N PHE B 496 -26.45 26.03 -33.50
CA PHE B 496 -25.63 24.86 -33.83
C PHE B 496 -26.47 23.71 -34.36
N PHE B 497 -27.77 23.69 -34.01
CA PHE B 497 -28.66 22.64 -34.49
C PHE B 497 -29.08 22.85 -35.94
N ASP B 498 -28.90 24.05 -36.50
CA ASP B 498 -29.47 24.35 -37.81
C ASP B 498 -28.90 23.41 -38.88
N GLY B 499 -29.78 22.83 -39.69
CA GLY B 499 -29.39 21.97 -40.77
C GLY B 499 -29.20 20.51 -40.41
N LYS B 500 -28.92 20.20 -39.14
CA LYS B 500 -28.70 18.81 -38.75
C LYS B 500 -29.98 18.12 -38.28
N ILE B 501 -31.11 18.82 -38.28
CA ILE B 501 -32.37 18.27 -37.80
C ILE B 501 -33.47 19.23 -38.20
N ALA B 502 -34.70 18.72 -38.33
CA ALA B 502 -35.81 19.56 -38.73
C ALA B 502 -36.00 20.71 -37.73
N LYS B 503 -36.30 21.90 -38.28
CA LYS B 503 -36.37 23.14 -37.50
C LYS B 503 -37.23 22.96 -36.25
N TRP B 504 -38.41 22.39 -36.41
CA TRP B 504 -39.36 22.28 -35.31
C TRP B 504 -38.89 21.34 -34.21
N GLN B 505 -37.76 20.64 -34.40
CA GLN B 505 -37.22 19.72 -33.41
C GLN B 505 -36.12 20.36 -32.55
N VAL B 506 -35.66 21.54 -32.90
CA VAL B 506 -34.59 22.20 -32.15
C VAL B 506 -35.13 22.61 -30.77
N PRO B 507 -34.43 22.29 -29.68
CA PRO B 507 -34.92 22.69 -28.36
C PRO B 507 -35.17 24.19 -28.27
N ASP B 508 -36.23 24.55 -27.55
CA ASP B 508 -36.67 25.94 -27.47
C ASP B 508 -35.82 26.80 -26.56
N LYS B 509 -35.11 26.18 -25.61
CA LYS B 509 -34.42 26.91 -24.56
C LYS B 509 -33.21 26.08 -24.12
N VAL B 510 -32.16 26.77 -23.67
CA VAL B 510 -31.03 26.17 -22.99
C VAL B 510 -31.03 26.61 -21.53
N VAL B 511 -30.87 25.66 -20.63
CA VAL B 511 -30.51 25.95 -19.24
C VAL B 511 -29.13 25.37 -18.98
N PHE B 512 -28.37 26.01 -18.10
CA PHE B 512 -27.01 25.57 -17.78
C PHE B 512 -26.98 24.96 -16.39
N VAL B 513 -26.26 23.84 -16.25
CA VAL B 513 -26.06 23.20 -14.96
C VAL B 513 -24.59 22.80 -14.86
N ASP B 514 -24.12 22.63 -13.62
CA ASP B 514 -22.73 22.26 -13.46
C ASP B 514 -22.50 20.77 -13.75
N ALA B 515 -23.54 19.96 -13.62
CA ALA B 515 -23.40 18.52 -13.85
C ALA B 515 -24.79 17.95 -14.05
N LEU B 516 -24.87 16.93 -14.90
CA LEU B 516 -26.12 16.21 -15.08
C LEU B 516 -26.31 15.21 -13.94
N PRO B 517 -27.53 15.05 -13.44
CA PRO B 517 -27.77 14.02 -12.41
C PRO B 517 -27.69 12.63 -13.04
N LEU B 518 -26.85 11.78 -12.45
CA LEU B 518 -26.64 10.42 -12.92
C LEU B 518 -27.35 9.43 -12.01
N ASN B 519 -27.79 8.31 -12.59
CA ASN B 519 -28.43 7.26 -11.81
C ASN B 519 -27.35 6.28 -11.33
N ALA B 520 -27.78 5.13 -10.84
CA ALA B 520 -26.87 4.21 -10.18
C ALA B 520 -25.98 3.44 -11.16
N THR B 521 -26.29 3.44 -12.45
CA THR B 521 -25.36 2.88 -13.43
C THR B 521 -24.67 3.95 -14.27
N GLY B 522 -24.71 5.20 -13.82
CA GLY B 522 -24.04 6.28 -14.52
C GLY B 522 -24.75 6.77 -15.77
N LYS B 523 -26.05 6.57 -15.87
CA LYS B 523 -26.83 7.10 -16.96
C LYS B 523 -27.56 8.35 -16.49
N VAL B 524 -27.83 9.26 -17.41
CA VAL B 524 -28.47 10.52 -17.06
C VAL B 524 -29.86 10.22 -16.53
N LEU B 525 -30.17 10.77 -15.36
CA LEU B 525 -31.46 10.56 -14.71
C LEU B 525 -32.43 11.59 -15.27
N LYS B 526 -32.95 11.30 -16.48
CA LYS B 526 -33.77 12.28 -17.16
C LYS B 526 -35.07 12.55 -16.43
N ARG B 527 -35.54 11.57 -15.66
CA ARG B 527 -36.77 11.76 -14.88
C ARG B 527 -36.62 12.91 -13.89
N LYS B 528 -35.49 12.99 -13.20
CA LYS B 528 -35.32 14.09 -12.24
C LYS B 528 -35.03 15.41 -12.95
N LEU B 529 -34.46 15.33 -14.16
CA LEU B 529 -34.33 16.52 -15.01
C LEU B 529 -35.70 17.06 -15.44
N ARG B 530 -36.62 16.16 -15.79
CA ARG B 530 -37.96 16.59 -16.18
C ARG B 530 -38.70 17.22 -15.01
N ASP B 531 -38.49 16.71 -13.80
CA ASP B 531 -39.10 17.30 -12.62
C ASP B 531 -38.51 18.68 -12.34
N GLU B 532 -37.18 18.78 -12.36
CA GLU B 532 -36.48 20.03 -12.02
C GLU B 532 -36.85 21.18 -12.95
N PHE B 533 -37.15 20.89 -14.22
CA PHE B 533 -37.35 21.95 -15.21
C PHE B 533 -38.75 21.92 -15.81
N LYS B 534 -39.74 21.38 -15.09
CA LYS B 534 -41.11 21.33 -15.59
C LYS B 534 -41.67 22.70 -16.00
N ASP B 535 -41.03 23.80 -15.61
CA ASP B 535 -41.40 25.13 -16.06
C ASP B 535 -40.39 25.65 -17.08
N ALA B 536 -40.73 26.77 -17.72
CA ALA B 536 -40.09 27.22 -18.96
C ALA B 536 -40.22 26.13 -20.01
#